data_8THI
#
_entry.id   8THI
#
_cell.length_a   1.00
_cell.length_b   1.00
_cell.length_c   1.00
_cell.angle_alpha   90.00
_cell.angle_beta   90.00
_cell.angle_gamma   90.00
#
_symmetry.space_group_name_H-M   'P 1'
#
loop_
_entity.id
_entity.type
_entity.pdbx_description
1 polymer 'Sialic acid TRAP transporter permease protein SiaT'
2 non-polymer '(1S)-2-{[{[(2R)-2,3-DIHYDROXYPROPYL]OXY}(HYDROXY)PHOSPHORYL]OXY}-1-[(PALMITOYLOXY)METHYL]ETHYL STEARATE'
3 non-polymer 'SODIUM ION'
#
_entity_poly.entity_id   1
_entity_poly.type   'polypeptide(L)'
_entity_poly.pdbx_seq_one_letter_code
;MGGSHHHHHHGMASMTGGQQMGRDLYDDDDKDRWGSELEMKYINKLEEWLGGALFIAIFGILIAQILSRQVFHSPLIWSE
ELAKLLFVYVGMLGISVAVRKQEHVFIDFLTNLMPEKIRKFTNTFVQLLVFICIFLFIHFGIRTFNGASFPIDALGGISE
KWIFAALPVVAILMMFRFIQAQTLNFKTGKSYLPATFFIISAVILFAILFFAPDWFKVLRISNYIKLGSSSVYVALLVWL
IIMFIGVPVGWSLFIATLLYFSMTRWNVVNAATEKLVYSLDSFPLLAVPFYILTGILMNTGGITERIFNFAKALLGHYTG
GMGHVNIGASLLFSGMSGSALADAGGLGQLEIKAMRDAGYDDDICGGITAASCIIGPLVPPSIAMIIYGVIANESIAKLF
IAGFIPGVLITLALMAMNYRIAKKRGYPRTPKATREQLCSSFKQSFWAILTPLLIIGGIFSGLFSPTESAIVAAAYSVII
GKFVYKELTLKSLFNSCIEAMAITGVVALMIMTVTFFGDMIAREQVAMRVADVFVAVADSPLTVLIMINALLLFLGMFID
ALALQFLVLPMLIPIAMQFNIDLIFFGVMTTLNMMVGILTPPMGMALFVVARVGNMSVSTVTKGVLPFLIPVFVTLVLIT
IFPQIITFVPNLLIP
;
_entity_poly.pdbx_strand_id   A,B
#
loop_
_chem_comp.id
_chem_comp.type
_chem_comp.name
_chem_comp.formula
NA non-polymer 'SODIUM ION' 'Na 1'
PGT non-polymer '(1S)-2-{[{[(2R)-2,3-DIHYDROXYPROPYL]OXY}(HYDROXY)PHOSPHORYL]OXY}-1-[(PALMITOYLOXY)METHYL]ETHYL STEARATE' 'C40 H79 O10 P'
#
# COMPACT_ATOMS: atom_id res chain seq x y z
N TYR A 42 -5.25 -7.00 -4.61
CA TYR A 42 -4.16 -8.02 -4.59
C TYR A 42 -2.83 -7.31 -4.35
N ILE A 43 -1.84 -7.39 -5.25
CA ILE A 43 -0.49 -6.79 -4.95
C ILE A 43 0.07 -6.05 -6.18
N ASN A 44 -0.73 -5.88 -7.23
CA ASN A 44 -0.24 -5.10 -8.40
C ASN A 44 -1.10 -3.85 -8.62
N LYS A 45 -2.40 -3.92 -8.29
CA LYS A 45 -3.29 -2.80 -8.55
C LYS A 45 -3.25 -1.74 -7.46
N LEU A 46 -2.33 -1.86 -6.49
CA LEU A 46 -2.30 -0.91 -5.39
C LEU A 46 -1.95 0.49 -5.86
N GLU A 47 -1.10 0.59 -6.89
CA GLU A 47 -0.78 1.90 -7.45
C GLU A 47 -1.90 2.42 -8.34
N GLU A 48 -2.64 1.52 -8.99
CA GLU A 48 -3.76 1.94 -9.82
C GLU A 48 -4.97 2.32 -8.97
N TRP A 49 -5.22 1.57 -7.89
CA TRP A 49 -6.30 1.92 -6.98
C TRP A 49 -6.04 3.28 -6.33
N LEU A 50 -4.82 3.50 -5.85
CA LEU A 50 -4.48 4.75 -5.18
C LEU A 50 -4.34 5.90 -6.18
N GLY A 51 -3.71 5.63 -7.32
CA GLY A 51 -3.51 6.67 -8.31
C GLY A 51 -4.82 7.16 -8.91
N GLY A 52 -5.77 6.25 -9.11
CA GLY A 52 -7.07 6.65 -9.64
C GLY A 52 -7.84 7.54 -8.69
N ALA A 53 -7.76 7.24 -7.39
CA ALA A 53 -8.46 8.06 -6.40
C ALA A 53 -7.90 9.47 -6.36
N LEU A 54 -6.57 9.61 -6.44
CA LEU A 54 -5.97 10.94 -6.44
C LEU A 54 -6.33 11.71 -7.70
N PHE A 55 -6.50 11.00 -8.82
CA PHE A 55 -6.90 11.65 -10.07
C PHE A 55 -8.29 12.27 -9.93
N ILE A 56 -9.21 11.56 -9.28
CA ILE A 56 -10.56 12.09 -9.10
C ILE A 56 -10.55 13.30 -8.17
N ALA A 57 -9.70 13.26 -7.14
CA ALA A 57 -9.64 14.38 -6.20
C ALA A 57 -9.19 15.66 -6.88
N ILE A 58 -8.21 15.57 -7.78
CA ILE A 58 -7.73 16.75 -8.50
C ILE A 58 -8.86 17.34 -9.33
N PHE A 59 -9.64 16.48 -9.99
CA PHE A 59 -10.74 16.96 -10.81
C PHE A 59 -11.77 17.72 -9.98
N GLY A 60 -12.07 17.23 -8.79
CA GLY A 60 -13.02 17.92 -7.93
C GLY A 60 -12.52 19.25 -7.43
N ILE A 61 -11.21 19.36 -7.18
CA ILE A 61 -10.66 20.60 -6.65
C ILE A 61 -10.67 21.69 -7.72
N LEU A 62 -10.26 21.34 -8.94
CA LEU A 62 -10.19 22.33 -10.01
C LEU A 62 -11.58 22.85 -10.38
N ILE A 63 -12.57 21.97 -10.45
CA ILE A 63 -13.91 22.39 -10.86
C ILE A 63 -14.50 23.33 -9.82
N ALA A 64 -14.06 23.22 -8.56
CA ALA A 64 -14.53 24.15 -7.54
C ALA A 64 -13.86 25.51 -7.68
N GLN A 65 -12.61 25.53 -8.14
CA GLN A 65 -11.91 26.79 -8.33
C GLN A 65 -12.57 27.63 -9.42
N ILE A 66 -12.95 27.00 -10.53
CA ILE A 66 -13.54 27.74 -11.64
C ILE A 66 -14.93 28.23 -11.27
N LEU A 67 -15.72 27.39 -10.58
CA LEU A 67 -17.07 27.77 -10.21
C LEU A 67 -17.07 28.98 -9.27
N SER A 68 -16.17 28.99 -8.30
CA SER A 68 -16.11 30.10 -7.35
C SER A 68 -15.72 31.39 -8.04
N ARG A 69 -14.73 31.34 -8.95
CA ARG A 69 -14.27 32.55 -9.61
C ARG A 69 -15.30 33.08 -10.59
N GLN A 70 -15.85 32.22 -11.43
CA GLN A 70 -16.73 32.67 -12.51
C GLN A 70 -18.12 33.03 -12.00
N VAL A 71 -18.66 32.26 -11.07
CA VAL A 71 -20.04 32.45 -10.63
C VAL A 71 -20.07 33.36 -9.40
N PHE A 72 -19.42 32.93 -8.33
CA PHE A 72 -19.48 33.63 -7.05
C PHE A 72 -18.49 34.78 -6.94
N HIS A 73 -17.52 34.87 -7.85
CA HIS A 73 -16.49 35.91 -7.82
C HIS A 73 -15.72 35.92 -6.50
N SER A 74 -15.55 34.74 -5.90
CA SER A 74 -14.82 34.58 -4.65
C SER A 74 -13.76 33.52 -4.85
N PRO A 75 -12.59 33.90 -5.37
CA PRO A 75 -11.58 32.90 -5.72
C PRO A 75 -11.00 32.21 -4.49
N LEU A 76 -10.42 31.04 -4.73
CA LEU A 76 -9.77 30.25 -3.69
C LEU A 76 -8.26 30.30 -3.91
N ILE A 77 -7.52 30.33 -2.80
CA ILE A 77 -6.08 30.57 -2.84
C ILE A 77 -5.26 29.29 -2.66
N TRP A 78 -5.91 28.16 -2.40
CA TRP A 78 -5.21 26.91 -2.15
C TRP A 78 -5.38 25.87 -3.25
N SER A 79 -6.29 26.10 -4.19
CA SER A 79 -6.64 25.08 -5.17
C SER A 79 -5.45 24.71 -6.05
N GLU A 80 -4.73 25.72 -6.55
CA GLU A 80 -3.62 25.45 -7.47
C GLU A 80 -2.50 24.68 -6.77
N GLU A 81 -2.12 25.13 -5.57
CA GLU A 81 -1.06 24.44 -4.83
C GLU A 81 -1.46 23.02 -4.49
N LEU A 82 -2.71 22.82 -4.05
CA LEU A 82 -3.16 21.47 -3.72
C LEU A 82 -3.15 20.58 -4.96
N ALA A 83 -3.61 21.11 -6.09
CA ALA A 83 -3.64 20.33 -7.31
C ALA A 83 -2.24 19.90 -7.73
N LYS A 84 -1.28 20.84 -7.67
CA LYS A 84 0.09 20.49 -8.05
C LYS A 84 0.69 19.48 -7.09
N LEU A 85 0.41 19.63 -5.79
CA LEU A 85 0.92 18.69 -4.80
C LEU A 85 0.40 17.29 -5.07
N LEU A 86 -0.89 17.16 -5.39
CA LEU A 86 -1.42 15.83 -5.69
C LEU A 86 -0.90 15.30 -7.01
N PHE A 87 -0.67 16.20 -7.99
CA PHE A 87 -0.21 15.76 -9.30
C PHE A 87 1.19 15.20 -9.24
N VAL A 88 2.03 15.71 -8.33
CA VAL A 88 3.37 15.14 -8.18
C VAL A 88 3.28 13.66 -7.84
N TYR A 89 2.44 13.31 -6.85
CA TYR A 89 2.27 11.92 -6.46
C TYR A 89 1.64 11.10 -7.58
N VAL A 90 0.69 11.69 -8.30
CA VAL A 90 0.05 10.98 -9.41
C VAL A 90 1.08 10.64 -10.48
N GLY A 91 1.94 11.59 -10.83
CA GLY A 91 2.98 11.33 -11.81
C GLY A 91 3.96 10.27 -11.35
N MET A 92 4.35 10.31 -10.08
CA MET A 92 5.26 9.28 -9.58
C MET A 92 4.62 7.90 -9.64
N LEU A 93 3.33 7.81 -9.29
CA LEU A 93 2.64 6.52 -9.38
C LEU A 93 2.54 6.05 -10.82
N GLY A 94 2.32 6.97 -11.76
CA GLY A 94 2.33 6.60 -13.16
C GLY A 94 3.67 6.06 -13.62
N ILE A 95 4.75 6.68 -13.16
CA ILE A 95 6.09 6.18 -13.46
C ILE A 95 6.27 4.77 -12.91
N SER A 96 5.79 4.54 -11.68
CA SER A 96 5.89 3.20 -11.10
C SER A 96 5.11 2.18 -11.92
N VAL A 97 3.91 2.55 -12.36
CA VAL A 97 3.11 1.63 -13.19
C VAL A 97 3.86 1.31 -14.48
N ALA A 98 4.42 2.33 -15.12
CA ALA A 98 5.13 2.12 -16.38
C ALA A 98 6.35 1.23 -16.19
N VAL A 99 7.10 1.41 -15.09
CA VAL A 99 8.30 0.61 -14.90
C VAL A 99 7.92 -0.81 -14.48
N ARG A 100 6.73 -0.99 -13.90
CA ARG A 100 6.26 -2.35 -13.61
C ARG A 100 5.87 -3.08 -14.89
N LYS A 101 5.15 -2.40 -15.79
CA LYS A 101 4.66 -3.04 -17.01
C LYS A 101 5.69 -3.06 -18.13
N GLN A 102 6.86 -2.44 -17.93
CA GLN A 102 7.91 -2.37 -18.94
C GLN A 102 7.40 -1.73 -20.23
N GLU A 103 7.00 -0.47 -20.11
CA GLU A 103 6.41 0.26 -21.23
C GLU A 103 7.09 1.60 -21.50
N HIS A 104 8.33 1.78 -21.03
CA HIS A 104 9.02 3.05 -21.25
C HIS A 104 9.56 3.13 -22.67
N VAL A 105 9.55 4.34 -23.22
CA VAL A 105 9.91 4.54 -24.61
C VAL A 105 11.41 4.31 -24.81
N PHE A 106 11.74 3.61 -25.89
CA PHE A 106 13.14 3.37 -26.24
C PHE A 106 13.24 3.21 -27.75
N ILE A 107 14.45 3.41 -28.27
CA ILE A 107 14.73 3.29 -29.69
C ILE A 107 15.00 1.83 -30.01
N ASP A 108 14.28 1.29 -31.00
CA ASP A 108 14.37 -0.11 -31.35
C ASP A 108 14.80 -0.33 -32.79
N PHE A 109 15.40 0.68 -33.44
CA PHE A 109 15.87 0.50 -34.81
C PHE A 109 17.01 -0.49 -34.87
N LEU A 110 18.04 -0.30 -34.04
CA LEU A 110 19.15 -1.23 -33.98
C LEU A 110 18.80 -2.53 -33.26
N THR A 111 17.87 -2.49 -32.31
CA THR A 111 17.43 -3.69 -31.61
C THR A 111 16.71 -4.68 -32.50
N ASN A 112 16.06 -4.20 -33.56
CA ASN A 112 15.31 -5.07 -34.46
C ASN A 112 16.20 -5.81 -35.45
N LEU A 113 17.49 -5.50 -35.50
CA LEU A 113 18.42 -6.14 -36.43
C LEU A 113 19.49 -6.91 -35.66
N MET A 114 19.08 -7.63 -34.62
CA MET A 114 20.01 -8.34 -33.76
C MET A 114 19.52 -9.76 -33.52
N PRO A 115 20.37 -10.77 -33.70
CA PRO A 115 20.01 -12.12 -33.25
C PRO A 115 19.84 -12.14 -31.73
N GLU A 116 19.01 -13.08 -31.27
CA GLU A 116 18.66 -13.11 -29.85
C GLU A 116 19.87 -13.36 -28.96
N LYS A 117 20.92 -13.99 -29.50
CA LYS A 117 22.10 -14.27 -28.69
C LYS A 117 22.84 -12.98 -28.32
N ILE A 118 22.55 -11.88 -29.00
CA ILE A 118 23.12 -10.58 -28.65
C ILE A 118 22.08 -9.81 -27.87
N ARG A 119 20.81 -10.09 -28.15
CA ARG A 119 19.72 -9.45 -27.42
C ARG A 119 19.76 -9.81 -25.95
N LYS A 120 20.24 -11.02 -25.62
CA LYS A 120 20.36 -11.42 -24.23
C LYS A 120 21.34 -10.52 -23.48
N PHE A 121 22.53 -10.30 -24.05
CA PHE A 121 23.51 -9.42 -23.42
C PHE A 121 22.99 -7.99 -23.34
N THR A 122 22.34 -7.52 -24.41
CA THR A 122 21.80 -6.17 -24.41
C THR A 122 20.77 -5.98 -23.31
N ASN A 123 19.86 -6.96 -23.15
CA ASN A 123 18.85 -6.88 -22.11
C ASN A 123 19.47 -6.93 -20.72
N THR A 124 20.50 -7.76 -20.54
CA THR A 124 21.20 -7.77 -19.25
C THR A 124 21.77 -6.40 -18.93
N PHE A 125 22.41 -5.77 -19.92
CA PHE A 125 23.00 -4.45 -19.69
C PHE A 125 21.93 -3.42 -19.34
N VAL A 126 20.80 -3.42 -20.07
CA VAL A 126 19.79 -2.40 -19.80
C VAL A 126 19.15 -2.64 -18.43
N GLN A 127 18.98 -3.90 -18.02
CA GLN A 127 18.45 -4.17 -16.70
C GLN A 127 19.39 -3.65 -15.61
N LEU A 128 20.69 -3.87 -15.78
CA LEU A 128 21.65 -3.35 -14.81
C LEU A 128 21.58 -1.82 -14.72
N LEU A 129 21.52 -1.17 -15.88
CA LEU A 129 21.49 0.30 -15.89
C LEU A 129 20.23 0.83 -15.21
N VAL A 130 19.08 0.22 -15.48
CA VAL A 130 17.85 0.65 -14.82
C VAL A 130 17.90 0.42 -13.32
N PHE A 131 18.46 -0.70 -12.87
CA PHE A 131 18.60 -0.93 -11.43
C PHE A 131 19.45 0.16 -10.77
N ILE A 132 20.57 0.50 -11.40
CA ILE A 132 21.42 1.56 -10.85
C ILE A 132 20.67 2.90 -10.81
N CYS A 133 19.93 3.21 -11.87
CA CYS A 133 19.19 4.47 -11.90
C CYS A 133 18.16 4.53 -10.78
N ILE A 134 17.45 3.43 -10.54
CA ILE A 134 16.43 3.43 -9.48
C ILE A 134 17.08 3.61 -8.11
N PHE A 135 18.20 2.92 -7.87
CA PHE A 135 18.88 3.08 -6.58
C PHE A 135 19.31 4.53 -6.36
N LEU A 136 19.87 5.16 -7.40
CA LEU A 136 20.28 6.55 -7.28
C LEU A 136 19.09 7.48 -7.10
N PHE A 137 17.95 7.17 -7.73
CA PHE A 137 16.73 7.93 -7.46
C PHE A 137 16.36 7.87 -5.99
N ILE A 138 16.44 6.68 -5.39
CA ILE A 138 16.12 6.54 -3.97
C ILE A 138 17.04 7.41 -3.13
N HIS A 139 18.35 7.33 -3.40
CA HIS A 139 19.31 8.10 -2.60
C HIS A 139 19.06 9.59 -2.72
N PHE A 140 18.93 10.09 -3.95
CA PHE A 140 18.71 11.51 -4.16
C PHE A 140 17.39 11.99 -3.60
N GLY A 141 16.32 11.19 -3.70
CA GLY A 141 15.07 11.57 -3.09
C GLY A 141 15.16 11.70 -1.59
N ILE A 142 15.82 10.74 -0.94
CA ILE A 142 16.00 10.84 0.51
C ILE A 142 16.77 12.11 0.86
N ARG A 143 17.86 12.37 0.15
CA ARG A 143 18.68 13.54 0.46
C ARG A 143 17.91 14.84 0.25
N THR A 144 17.17 14.94 -0.86
CA THR A 144 16.47 16.19 -1.15
C THR A 144 15.24 16.37 -0.26
N PHE A 145 14.67 15.27 0.25
CA PHE A 145 13.63 15.42 1.26
C PHE A 145 14.21 15.93 2.57
N ASN A 146 15.39 15.42 2.95
CA ASN A 146 16.05 15.94 4.15
C ASN A 146 16.44 17.40 3.97
N GLY A 147 16.71 17.84 2.75
CA GLY A 147 17.12 19.21 2.52
C GLY A 147 16.00 20.22 2.38
N ALA A 148 14.75 19.79 2.32
CA ALA A 148 13.64 20.72 2.10
C ALA A 148 13.38 21.56 3.35
N SER A 149 13.38 22.88 3.17
CA SER A 149 13.23 23.79 4.30
C SER A 149 12.14 24.83 4.10
N PHE A 150 11.93 25.31 2.88
CA PHE A 150 11.05 26.43 2.65
C PHE A 150 9.60 26.07 2.95
N PRO A 151 8.82 27.02 3.47
CA PRO A 151 7.39 26.80 3.66
C PRO A 151 6.60 27.13 2.40
N ILE A 152 5.35 26.66 2.37
CA ILE A 152 4.45 26.90 1.26
C ILE A 152 3.44 27.96 1.72
N ASP A 153 3.59 29.17 1.20
CA ASP A 153 2.63 30.22 1.49
C ASP A 153 1.31 29.94 0.77
N ALA A 154 0.26 30.62 1.22
CA ALA A 154 -1.10 30.40 0.74
C ALA A 154 -1.55 28.96 0.91
N LEU A 155 -0.93 28.24 1.85
CA LEU A 155 -1.29 26.87 2.16
C LEU A 155 -1.25 26.63 3.67
N GLY A 156 -1.35 27.70 4.46
CA GLY A 156 -1.32 27.59 5.89
C GLY A 156 0.05 27.48 6.52
N GLY A 157 1.11 27.81 5.78
CA GLY A 157 2.46 27.66 6.31
C GLY A 157 3.00 26.26 6.25
N ILE A 158 2.35 25.37 5.51
CA ILE A 158 2.79 23.98 5.41
C ILE A 158 4.16 23.93 4.76
N SER A 159 5.05 23.11 5.33
CA SER A 159 6.41 22.98 4.83
C SER A 159 6.42 22.26 3.49
N GLU A 160 7.53 22.42 2.76
CA GLU A 160 7.68 21.84 1.44
C GLU A 160 8.07 20.36 1.48
N LYS A 161 8.32 19.83 2.67
CA LYS A 161 8.63 18.40 2.79
C LYS A 161 7.48 17.53 2.29
N TRP A 162 6.24 18.03 2.38
CA TRP A 162 5.11 17.28 1.84
C TRP A 162 5.26 17.09 0.33
N ILE A 163 5.69 18.13 -0.37
CA ILE A 163 5.95 17.99 -1.80
C ILE A 163 7.15 17.10 -2.05
N PHE A 164 8.23 17.30 -1.29
CA PHE A 164 9.49 16.63 -1.58
C PHE A 164 9.53 15.17 -1.14
N ALA A 165 8.54 14.71 -0.36
CA ALA A 165 8.55 13.34 0.13
C ALA A 165 8.02 12.34 -0.89
N ALA A 166 7.53 12.80 -2.04
CA ALA A 166 6.95 11.88 -3.02
C ALA A 166 8.01 10.99 -3.64
N LEU A 167 9.20 11.52 -3.88
CA LEU A 167 10.22 10.77 -4.61
C LEU A 167 10.63 9.47 -3.94
N PRO A 168 11.00 9.42 -2.65
CA PRO A 168 11.49 8.16 -2.10
C PRO A 168 10.40 7.11 -1.89
N VAL A 169 9.20 7.53 -1.46
CA VAL A 169 8.15 6.57 -1.15
C VAL A 169 7.71 5.83 -2.40
N VAL A 170 7.71 6.52 -3.55
CA VAL A 170 7.36 5.85 -4.80
C VAL A 170 8.57 5.21 -5.46
N ALA A 171 9.77 5.70 -5.17
CA ALA A 171 10.97 5.02 -5.66
C ALA A 171 11.13 3.65 -5.05
N ILE A 172 10.71 3.48 -3.79
CA ILE A 172 10.72 2.16 -3.17
C ILE A 172 9.79 1.21 -3.93
N LEU A 173 8.60 1.68 -4.27
CA LEU A 173 7.67 0.87 -5.05
C LEU A 173 8.24 0.55 -6.43
N MET A 174 8.93 1.52 -7.04
CA MET A 174 9.54 1.27 -8.34
C MET A 174 10.61 0.19 -8.25
N MET A 175 11.42 0.22 -7.19
CA MET A 175 12.42 -0.83 -6.98
C MET A 175 11.76 -2.19 -6.80
N PHE A 176 10.68 -2.23 -6.01
CA PHE A 176 9.96 -3.49 -5.82
C PHE A 176 9.40 -4.03 -7.13
N ARG A 177 8.84 -3.14 -7.96
CA ARG A 177 8.29 -3.55 -9.24
C ARG A 177 9.37 -4.05 -10.17
N PHE A 178 10.54 -3.39 -10.17
CA PHE A 178 11.64 -3.86 -11.01
C PHE A 178 12.10 -5.25 -10.58
N ILE A 179 12.24 -5.46 -9.27
CA ILE A 179 12.64 -6.78 -8.79
C ILE A 179 11.60 -7.82 -9.17
N GLN A 180 10.31 -7.46 -9.09
CA GLN A 180 9.25 -8.39 -9.48
C GLN A 180 9.34 -8.74 -10.96
N ALA A 181 9.59 -7.75 -11.80
CA ALA A 181 9.63 -7.99 -13.24
C ALA A 181 10.88 -8.78 -13.64
N GLN A 182 11.92 -8.73 -12.82
CA GLN A 182 13.13 -9.47 -13.15
C GLN A 182 12.88 -10.98 -13.19
N THR A 183 12.00 -11.49 -12.33
CA THR A 183 11.68 -12.92 -12.35
C THR A 183 11.09 -13.32 -13.70
N LEU A 184 10.12 -12.54 -14.19
CA LEU A 184 9.52 -12.84 -15.49
C LEU A 184 10.55 -12.69 -16.60
N ASN A 185 11.42 -11.69 -16.52
CA ASN A 185 12.43 -11.50 -17.54
C ASN A 185 13.38 -12.70 -17.62
N PHE A 186 13.81 -13.20 -16.46
CA PHE A 186 14.79 -14.29 -16.46
C PHE A 186 14.15 -15.64 -16.77
N LYS A 187 12.89 -15.85 -16.36
CA LYS A 187 12.27 -17.16 -16.54
C LYS A 187 12.12 -17.50 -18.01
N THR A 188 11.78 -16.53 -18.85
CA THR A 188 11.54 -16.78 -20.27
C THR A 188 12.83 -16.80 -21.08
N GLY A 189 13.99 -16.58 -20.47
CA GLY A 189 15.24 -16.59 -21.20
C GLY A 189 15.58 -15.30 -21.90
N LYS A 190 14.98 -14.17 -21.48
CA LYS A 190 15.25 -12.87 -22.07
C LYS A 190 16.35 -12.11 -21.35
N SER A 191 17.00 -12.73 -20.37
CA SER A 191 18.08 -12.09 -19.63
C SER A 191 18.95 -13.17 -19.03
N TYR A 192 19.98 -12.76 -18.29
CA TYR A 192 20.93 -13.67 -17.69
C TYR A 192 20.89 -13.72 -16.17
N LEU A 193 20.32 -12.71 -15.51
CA LEU A 193 20.41 -12.62 -14.06
C LEU A 193 19.07 -12.90 -13.41
N PRO A 194 19.03 -13.71 -12.35
CA PRO A 194 17.77 -13.88 -11.61
C PRO A 194 17.48 -12.70 -10.70
N ALA A 195 16.31 -12.70 -10.06
CA ALA A 195 15.99 -11.63 -9.12
C ALA A 195 16.73 -11.77 -7.80
N THR A 196 17.22 -12.97 -7.47
CA THR A 196 18.00 -13.14 -6.24
C THR A 196 19.28 -12.33 -6.30
N PHE A 197 19.92 -12.28 -7.47
CA PHE A 197 21.11 -11.48 -7.63
C PHE A 197 20.82 -10.01 -7.36
N PHE A 198 19.71 -9.51 -7.91
CA PHE A 198 19.34 -8.12 -7.69
C PHE A 198 19.02 -7.85 -6.22
N ILE A 199 18.34 -8.80 -5.56
CA ILE A 199 18.02 -8.62 -4.15
C ILE A 199 19.28 -8.54 -3.31
N ILE A 200 20.23 -9.45 -3.56
CA ILE A 200 21.48 -9.45 -2.81
C ILE A 200 22.25 -8.16 -3.06
N SER A 201 22.33 -7.74 -4.32
CA SER A 201 23.05 -6.52 -4.64
C SER A 201 22.41 -5.31 -3.98
N ALA A 202 21.08 -5.23 -4.00
CA ALA A 202 20.40 -4.10 -3.37
C ALA A 202 20.64 -4.07 -1.87
N VAL A 203 20.59 -5.23 -1.22
CA VAL A 203 20.83 -5.28 0.22
C VAL A 203 22.24 -4.82 0.54
N ILE A 204 23.23 -5.32 -0.21
CA ILE A 204 24.62 -4.94 0.04
C ILE A 204 24.81 -3.44 -0.19
N LEU A 205 24.25 -2.92 -1.29
CA LEU A 205 24.43 -1.51 -1.60
C LEU A 205 23.78 -0.62 -0.55
N PHE A 206 22.59 -0.99 -0.07
CA PHE A 206 21.93 -0.19 0.96
C PHE A 206 22.71 -0.23 2.26
N ALA A 207 23.22 -1.40 2.64
CA ALA A 207 24.02 -1.49 3.86
C ALA A 207 25.27 -0.63 3.76
N ILE A 208 25.96 -0.69 2.62
CA ILE A 208 27.15 0.14 2.44
C ILE A 208 26.78 1.62 2.50
N LEU A 209 25.74 2.02 1.79
CA LEU A 209 25.33 3.42 1.75
C LEU A 209 24.95 3.95 3.13
N PHE A 210 24.38 3.11 3.98
CA PHE A 210 23.93 3.57 5.29
C PHE A 210 25.01 3.48 6.36
N PHE A 211 26.01 2.60 6.22
CA PHE A 211 26.98 2.39 7.27
C PHE A 211 28.38 2.91 6.95
N ALA A 212 28.69 3.19 5.68
CA ALA A 212 29.98 3.73 5.31
C ALA A 212 29.88 4.40 3.95
N PRO A 213 29.25 5.57 3.85
CA PRO A 213 29.09 6.23 2.55
C PRO A 213 30.36 6.85 1.99
N ASP A 214 31.48 6.75 2.70
CA ASP A 214 32.76 7.23 2.21
C ASP A 214 33.46 6.21 1.33
N TRP A 215 32.89 5.02 1.17
CA TRP A 215 33.45 4.02 0.27
C TRP A 215 33.08 4.27 -1.18
N PHE A 216 32.08 5.12 -1.44
CA PHE A 216 31.63 5.38 -2.80
C PHE A 216 32.49 6.41 -3.52
N LYS A 217 33.47 6.99 -2.83
CA LYS A 217 34.32 8.05 -3.44
C LYS A 217 35.39 7.43 -4.34
N VAL A 218 35.49 6.09 -4.35
CA VAL A 218 36.46 5.40 -5.18
C VAL A 218 36.04 5.49 -6.64
N LEU A 219 34.74 5.42 -6.89
CA LEU A 219 34.21 5.38 -8.26
C LEU A 219 33.90 6.77 -8.80
N ARG A 220 34.89 7.66 -8.70
CA ARG A 220 34.83 8.97 -9.33
C ARG A 220 35.91 9.02 -10.40
N ILE A 221 35.51 9.34 -11.64
CA ILE A 221 36.45 9.35 -12.76
C ILE A 221 37.52 10.42 -12.61
N SER A 222 37.27 11.44 -11.78
CA SER A 222 38.29 12.46 -11.53
C SER A 222 39.53 11.87 -10.87
N ASN A 223 39.40 10.76 -10.16
CA ASN A 223 40.53 10.20 -9.43
C ASN A 223 41.55 9.54 -10.36
N TYR A 224 41.19 9.27 -11.61
CA TYR A 224 42.06 8.55 -12.53
C TYR A 224 42.46 9.38 -13.74
N ILE A 225 41.51 9.97 -14.44
CA ILE A 225 41.79 10.76 -15.63
C ILE A 225 41.02 12.07 -15.55
N LYS A 226 41.69 13.17 -15.87
CA LYS A 226 41.10 14.51 -15.85
C LYS A 226 40.92 14.96 -17.29
N LEU A 227 39.70 14.79 -17.81
CA LEU A 227 39.43 15.18 -19.19
C LEU A 227 39.36 16.70 -19.33
N GLY A 228 38.67 17.36 -18.42
CA GLY A 228 38.54 18.81 -18.48
C GLY A 228 37.31 19.27 -19.20
N SER A 229 37.50 20.02 -20.29
CA SER A 229 36.40 20.58 -21.06
C SER A 229 35.83 19.62 -22.09
N SER A 230 36.42 18.44 -22.24
CA SER A 230 35.89 17.42 -23.13
C SER A 230 34.92 16.48 -22.43
N SER A 231 34.62 16.73 -21.15
CA SER A 231 33.72 15.87 -20.40
C SER A 231 32.33 15.87 -21.02
N VAL A 232 31.87 17.02 -21.51
CA VAL A 232 30.55 17.09 -22.12
C VAL A 232 30.50 16.25 -23.38
N TYR A 233 31.54 16.34 -24.21
CA TYR A 233 31.57 15.55 -25.44
C TYR A 233 31.60 14.06 -25.12
N VAL A 234 32.42 13.65 -24.15
CA VAL A 234 32.50 12.25 -23.79
C VAL A 234 31.15 11.76 -23.25
N ALA A 235 30.51 12.55 -22.41
CA ALA A 235 29.21 12.17 -21.86
C ALA A 235 28.17 12.05 -22.96
N LEU A 236 28.17 12.97 -23.93
CA LEU A 236 27.20 12.90 -25.02
C LEU A 236 27.45 11.69 -25.90
N LEU A 237 28.72 11.37 -26.17
CA LEU A 237 29.02 10.18 -26.96
C LEU A 237 28.55 8.93 -26.26
N VAL A 238 28.80 8.83 -24.95
CA VAL A 238 28.33 7.66 -24.20
C VAL A 238 26.81 7.61 -24.18
N TRP A 239 26.17 8.78 -24.07
CA TRP A 239 24.72 8.84 -24.10
C TRP A 239 24.17 8.27 -25.41
N LEU A 240 24.74 8.69 -26.54
CA LEU A 240 24.30 8.17 -27.83
C LEU A 240 24.52 6.67 -27.92
N ILE A 241 25.69 6.20 -27.47
CA ILE A 241 26.01 4.79 -27.60
C ILE A 241 25.04 3.94 -26.78
N ILE A 242 24.76 4.34 -25.54
CA ILE A 242 23.87 3.55 -24.70
C ILE A 242 22.43 3.69 -25.16
N MET A 243 22.09 4.80 -25.79
CA MET A 243 20.72 4.99 -26.26
C MET A 243 20.43 4.16 -27.50
N PHE A 244 21.44 3.95 -28.34
CA PHE A 244 21.23 3.16 -29.55
C PHE A 244 21.14 1.67 -29.30
N ILE A 245 21.41 1.20 -28.09
CA ILE A 245 21.35 -0.23 -27.79
C ILE A 245 20.16 -0.55 -26.89
N GLY A 246 19.09 0.22 -26.96
CA GLY A 246 17.84 -0.15 -26.34
C GLY A 246 17.59 0.39 -24.95
N VAL A 247 18.54 1.11 -24.36
CA VAL A 247 18.25 1.74 -23.06
C VAL A 247 17.21 2.82 -23.26
N PRO A 248 16.15 2.86 -22.44
CA PRO A 248 15.14 3.91 -22.60
C PRO A 248 15.73 5.29 -22.36
N VAL A 249 15.16 6.28 -23.05
CA VAL A 249 15.72 7.63 -23.01
C VAL A 249 15.62 8.22 -21.61
N GLY A 250 14.54 7.91 -20.90
CA GLY A 250 14.34 8.47 -19.57
C GLY A 250 15.43 8.09 -18.59
N TRP A 251 16.08 6.95 -18.80
CA TRP A 251 17.24 6.59 -18.00
C TRP A 251 18.55 6.99 -18.65
N SER A 252 18.59 7.05 -19.98
CA SER A 252 19.81 7.41 -20.68
C SER A 252 20.22 8.84 -20.38
N LEU A 253 19.25 9.76 -20.35
CA LEU A 253 19.57 11.15 -20.02
C LEU A 253 20.14 11.27 -18.61
N PHE A 254 19.53 10.56 -17.66
CA PHE A 254 20.02 10.56 -16.28
C PHE A 254 21.43 10.00 -16.20
N ILE A 255 21.68 8.90 -16.90
CA ILE A 255 23.01 8.29 -16.89
C ILE A 255 24.05 9.23 -17.46
N ALA A 256 23.72 9.89 -18.57
CA ALA A 256 24.66 10.83 -19.18
C ALA A 256 24.98 11.98 -18.24
N THR A 257 23.96 12.54 -17.60
CA THR A 257 24.20 13.65 -16.68
C THR A 257 25.05 13.20 -15.49
N LEU A 258 24.75 12.01 -14.95
CA LEU A 258 25.53 11.51 -13.82
C LEU A 258 26.98 11.28 -14.20
N LEU A 259 27.23 10.74 -15.39
CA LEU A 259 28.60 10.53 -15.85
C LEU A 259 29.34 11.86 -15.99
N TYR A 260 28.66 12.86 -16.56
CA TYR A 260 29.29 14.18 -16.67
C TYR A 260 29.67 14.72 -15.30
N PHE A 261 28.73 14.63 -14.34
CA PHE A 261 29.00 15.19 -13.03
C PHE A 261 30.12 14.43 -12.33
N SER A 262 30.16 13.10 -12.50
CA SER A 262 31.22 12.32 -11.89
C SER A 262 32.59 12.69 -12.46
N MET A 263 32.64 12.97 -13.77
CA MET A 263 33.93 13.29 -14.38
C MET A 263 34.49 14.59 -13.82
N THR A 264 33.68 15.65 -13.75
CA THR A 264 34.19 16.97 -13.35
C THR A 264 34.26 17.11 -11.83
N ARG A 265 33.11 17.09 -11.17
CA ARG A 265 33.03 17.24 -9.71
C ARG A 265 31.66 16.78 -9.22
N TRP A 266 31.63 16.03 -8.12
CA TRP A 266 30.39 15.40 -7.70
C TRP A 266 29.59 16.27 -6.73
N ASN A 267 30.22 17.24 -6.09
CA ASN A 267 29.54 17.96 -5.01
C ASN A 267 28.50 18.93 -5.57
N VAL A 268 28.47 19.14 -6.88
CA VAL A 268 27.58 20.13 -7.47
C VAL A 268 26.28 19.47 -7.89
N VAL A 269 26.13 18.19 -7.61
CA VAL A 269 24.89 17.48 -7.95
C VAL A 269 23.77 17.80 -6.96
N ASN A 270 24.09 18.09 -5.71
CA ASN A 270 23.07 18.34 -4.71
C ASN A 270 22.24 19.57 -5.07
N ALA A 271 22.89 20.63 -5.58
CA ALA A 271 22.14 21.82 -5.99
C ALA A 271 21.23 21.52 -7.17
N ALA A 272 21.71 20.74 -8.13
CA ALA A 272 20.95 20.52 -9.36
C ALA A 272 19.90 19.43 -9.24
N THR A 273 19.93 18.64 -8.16
CA THR A 273 18.99 17.52 -8.05
C THR A 273 17.57 17.96 -7.68
N GLU A 274 17.37 19.22 -7.29
CA GLU A 274 16.03 19.66 -6.91
C GLU A 274 15.11 19.82 -8.12
N LYS A 275 15.70 20.01 -9.30
CA LYS A 275 14.89 20.21 -10.50
C LYS A 275 14.04 18.98 -10.81
N LEU A 276 14.50 17.80 -10.41
CA LEU A 276 13.72 16.58 -10.63
C LEU A 276 12.35 16.69 -10.00
N VAL A 277 12.29 17.09 -8.73
CA VAL A 277 11.02 17.28 -8.06
C VAL A 277 10.30 18.51 -8.59
N TYR A 278 11.06 19.60 -8.82
CA TYR A 278 10.42 20.86 -9.22
C TYR A 278 9.74 20.80 -10.58
N SER A 279 10.20 19.92 -11.48
CA SER A 279 9.62 19.87 -12.82
C SER A 279 8.16 19.43 -12.79
N LEU A 280 7.83 18.45 -11.95
CA LEU A 280 6.45 17.97 -11.88
C LEU A 280 5.54 19.01 -11.22
N ASP A 281 6.10 19.86 -10.35
CA ASP A 281 5.33 20.88 -9.65
C ASP A 281 5.04 22.07 -10.59
N SER A 282 4.31 21.78 -11.66
CA SER A 282 4.01 22.76 -12.69
C SER A 282 2.52 22.75 -13.01
N PHE A 283 1.97 23.93 -13.26
CA PHE A 283 0.57 24.08 -13.63
C PHE A 283 0.31 23.72 -15.09
N PRO A 284 1.12 24.20 -16.06
CA PRO A 284 0.88 23.82 -17.46
C PRO A 284 0.93 22.32 -17.69
N LEU A 285 1.73 21.59 -16.92
CA LEU A 285 1.82 20.14 -17.09
C LEU A 285 0.56 19.41 -16.66
N LEU A 286 -0.38 20.09 -15.97
CA LEU A 286 -1.61 19.45 -15.55
C LEU A 286 -2.54 19.15 -16.71
N ALA A 287 -2.42 19.85 -17.83
CA ALA A 287 -3.39 19.71 -18.91
C ALA A 287 -3.22 18.42 -19.70
N VAL A 288 -2.09 17.74 -19.60
CA VAL A 288 -1.82 16.54 -20.40
C VAL A 288 -2.78 15.42 -20.04
N PRO A 289 -2.85 14.97 -18.78
CA PRO A 289 -3.76 13.85 -18.47
C PRO A 289 -5.22 14.17 -18.75
N PHE A 290 -5.65 15.42 -18.56
CA PHE A 290 -7.05 15.75 -18.78
C PHE A 290 -7.40 15.77 -20.26
N TYR A 291 -6.49 16.29 -21.09
CA TYR A 291 -6.72 16.22 -22.54
C TYR A 291 -6.72 14.77 -23.02
N ILE A 292 -5.83 13.95 -22.47
CA ILE A 292 -5.80 12.53 -22.82
C ILE A 292 -7.12 11.87 -22.44
N LEU A 293 -7.63 12.18 -21.24
CA LEU A 293 -8.89 11.60 -20.80
C LEU A 293 -10.05 12.07 -21.67
N THR A 294 -10.04 13.34 -22.08
CA THR A 294 -11.07 13.85 -22.96
C THR A 294 -11.07 13.10 -24.28
N GLY A 295 -9.88 12.89 -24.86
CA GLY A 295 -9.80 12.11 -26.08
C GLY A 295 -10.29 10.69 -25.91
N ILE A 296 -9.90 10.05 -24.80
CA ILE A 296 -10.32 8.67 -24.54
C ILE A 296 -11.83 8.58 -24.43
N LEU A 297 -12.44 9.52 -23.70
CA LEU A 297 -13.89 9.50 -23.52
C LEU A 297 -14.61 9.78 -24.83
N MET A 298 -14.07 10.67 -25.66
CA MET A 298 -14.72 10.99 -26.92
C MET A 298 -14.51 9.92 -27.97
N ASN A 299 -13.52 9.04 -27.81
CA ASN A 299 -13.22 8.03 -28.80
C ASN A 299 -14.10 6.79 -28.71
N THR A 300 -15.27 6.86 -28.09
CA THR A 300 -16.17 5.72 -28.06
C THR A 300 -16.78 5.49 -29.45
N GLY A 301 -17.36 4.31 -29.62
CA GLY A 301 -17.93 3.96 -30.91
C GLY A 301 -19.15 4.79 -31.28
N GLY A 302 -20.00 5.09 -30.30
CA GLY A 302 -21.25 5.78 -30.59
C GLY A 302 -21.04 7.20 -31.11
N ILE A 303 -20.12 7.94 -30.49
CA ILE A 303 -19.88 9.32 -30.88
C ILE A 303 -19.23 9.37 -32.26
N THR A 304 -18.25 8.48 -32.50
CA THR A 304 -17.54 8.47 -33.76
C THR A 304 -18.48 8.18 -34.92
N GLU A 305 -19.42 7.24 -34.72
CA GLU A 305 -20.37 6.93 -35.77
C GLU A 305 -21.25 8.12 -36.10
N ARG A 306 -21.71 8.86 -35.10
CA ARG A 306 -22.52 10.04 -35.35
C ARG A 306 -21.73 11.10 -36.11
N ILE A 307 -20.49 11.36 -35.69
CA ILE A 307 -19.68 12.35 -36.37
C ILE A 307 -19.42 11.95 -37.82
N PHE A 308 -19.09 10.69 -38.04
CA PHE A 308 -18.84 10.24 -39.41
C PHE A 308 -20.10 10.31 -40.26
N ASN A 309 -21.26 9.98 -39.66
CA ASN A 309 -22.51 10.07 -40.43
C ASN A 309 -22.80 11.50 -40.83
N PHE A 310 -22.59 12.46 -39.92
CA PHE A 310 -22.80 13.86 -40.28
C PHE A 310 -21.83 14.30 -41.38
N ALA A 311 -20.56 13.91 -41.25
CA ALA A 311 -19.58 14.31 -42.26
C ALA A 311 -19.92 13.72 -43.62
N LYS A 312 -20.35 12.46 -43.65
CA LYS A 312 -20.72 11.82 -44.90
C LYS A 312 -21.94 12.50 -45.51
N ALA A 313 -22.93 12.85 -44.69
CA ALA A 313 -24.10 13.54 -45.22
C ALA A 313 -23.72 14.93 -45.74
N LEU A 314 -22.69 15.54 -45.18
CA LEU A 314 -22.31 16.89 -45.59
C LEU A 314 -21.50 16.88 -46.88
N LEU A 315 -20.37 16.17 -46.89
CA LEU A 315 -19.39 16.25 -47.97
C LEU A 315 -19.33 14.97 -48.80
N GLY A 316 -20.47 14.33 -49.03
CA GLY A 316 -20.46 13.03 -49.66
C GLY A 316 -20.75 12.98 -51.14
N HIS A 317 -21.17 14.09 -51.73
CA HIS A 317 -21.63 14.09 -53.12
C HIS A 317 -20.76 14.92 -54.05
N TYR A 318 -19.58 15.36 -53.60
CA TYR A 318 -18.71 16.15 -54.46
C TYR A 318 -17.71 15.24 -55.16
N THR A 319 -17.01 15.79 -56.17
CA THR A 319 -15.94 15.00 -56.86
C THR A 319 -14.84 14.70 -55.83
N GLY A 320 -14.68 13.45 -55.41
CA GLY A 320 -13.71 13.08 -54.35
C GLY A 320 -14.43 12.98 -53.03
N GLY A 321 -15.65 12.45 -53.02
CA GLY A 321 -16.54 12.48 -51.85
C GLY A 321 -15.97 11.84 -50.62
N MET A 322 -15.71 10.53 -50.66
CA MET A 322 -15.31 9.94 -49.40
C MET A 322 -13.95 10.45 -48.93
N GLY A 323 -13.09 10.89 -49.85
CA GLY A 323 -11.85 11.52 -49.42
C GLY A 323 -12.11 12.79 -48.64
N HIS A 324 -13.01 13.64 -49.15
CA HIS A 324 -13.41 14.84 -48.44
C HIS A 324 -14.07 14.48 -47.12
N VAL A 325 -14.86 13.40 -47.11
CA VAL A 325 -15.50 12.96 -45.88
C VAL A 325 -14.46 12.60 -44.83
N ASN A 326 -13.44 11.86 -45.24
CA ASN A 326 -12.38 11.48 -44.32
C ASN A 326 -11.63 12.70 -43.79
N ILE A 327 -11.30 13.63 -44.68
CA ILE A 327 -10.56 14.82 -44.26
C ILE A 327 -11.39 15.64 -43.28
N GLY A 328 -12.68 15.82 -43.57
CA GLY A 328 -13.53 16.58 -42.68
C GLY A 328 -13.72 15.91 -41.32
N ALA A 329 -13.88 14.58 -41.32
CA ALA A 329 -14.01 13.86 -40.06
C ALA A 329 -12.75 13.99 -39.22
N SER A 330 -11.58 13.85 -39.85
CA SER A 330 -10.33 14.03 -39.11
C SER A 330 -10.19 15.43 -38.57
N LEU A 331 -10.58 16.44 -39.37
CA LEU A 331 -10.51 17.82 -38.90
C LEU A 331 -11.42 18.06 -37.71
N LEU A 332 -12.64 17.51 -37.75
CA LEU A 332 -13.56 17.67 -36.63
C LEU A 332 -13.04 16.97 -35.39
N PHE A 333 -12.46 15.78 -35.55
CA PHE A 333 -11.94 15.05 -34.39
C PHE A 333 -10.67 15.71 -33.82
N SER A 334 -9.91 16.43 -34.64
CA SER A 334 -8.70 17.08 -34.15
C SER A 334 -9.00 18.17 -33.13
N GLY A 335 -10.19 18.76 -33.17
CA GLY A 335 -10.51 19.83 -32.24
C GLY A 335 -10.71 19.33 -30.82
N MET A 336 -10.99 18.04 -30.67
CA MET A 336 -11.18 17.46 -29.35
C MET A 336 -10.14 16.42 -28.97
N SER A 337 -9.35 15.93 -29.93
CA SER A 337 -8.33 14.93 -29.68
C SER A 337 -6.94 15.53 -29.87
N GLY A 338 -6.05 15.23 -28.94
CA GLY A 338 -4.70 15.74 -29.00
C GLY A 338 -3.68 14.74 -29.52
N SER A 339 -4.15 13.67 -30.16
CA SER A 339 -3.27 12.64 -30.68
C SER A 339 -3.75 12.20 -32.06
N ALA A 340 -2.83 11.65 -32.84
CA ALA A 340 -3.13 11.17 -34.19
C ALA A 340 -3.40 9.68 -34.25
N LEU A 341 -2.76 8.89 -33.38
CA LEU A 341 -2.97 7.45 -33.40
C LEU A 341 -4.40 7.09 -33.03
N ALA A 342 -5.01 7.82 -32.11
CA ALA A 342 -6.40 7.58 -31.75
C ALA A 342 -7.31 7.84 -32.94
N ASP A 343 -7.06 8.92 -33.68
CA ASP A 343 -7.84 9.20 -34.88
C ASP A 343 -7.65 8.12 -35.93
N ALA A 344 -6.42 7.63 -36.09
CA ALA A 344 -6.16 6.57 -37.06
C ALA A 344 -6.90 5.29 -36.69
N GLY A 345 -6.88 4.93 -35.40
CA GLY A 345 -7.48 3.68 -34.97
C GLY A 345 -8.97 3.72 -34.70
N GLY A 346 -9.56 4.90 -34.61
CA GLY A 346 -10.98 4.99 -34.30
C GLY A 346 -11.90 5.12 -35.50
N LEU A 347 -11.34 5.40 -36.68
CA LEU A 347 -12.15 5.64 -37.87
C LEU A 347 -11.68 4.90 -39.11
N GLY A 348 -10.56 4.18 -39.06
CA GLY A 348 -10.03 3.57 -40.27
C GLY A 348 -10.97 2.51 -40.84
N GLN A 349 -11.48 1.62 -39.98
CA GLN A 349 -12.30 0.52 -40.44
C GLN A 349 -13.60 0.97 -41.08
N LEU A 350 -14.00 2.22 -40.85
CA LEU A 350 -15.22 2.76 -41.41
C LEU A 350 -14.94 3.58 -42.67
N GLU A 351 -13.96 4.48 -42.60
CA GLU A 351 -13.61 5.31 -43.74
C GLU A 351 -13.10 4.47 -44.90
N ILE A 352 -12.26 3.47 -44.60
CA ILE A 352 -11.72 2.62 -45.67
C ILE A 352 -12.84 1.84 -46.34
N LYS A 353 -13.76 1.31 -45.53
CA LYS A 353 -14.88 0.57 -46.11
C LYS A 353 -15.76 1.47 -46.97
N ALA A 354 -16.04 2.68 -46.51
CA ALA A 354 -16.84 3.60 -47.30
C ALA A 354 -16.16 3.95 -48.61
N MET A 355 -14.85 4.20 -48.57
CA MET A 355 -14.12 4.50 -49.81
C MET A 355 -14.12 3.31 -50.76
N ARG A 356 -13.93 2.10 -50.23
CA ARG A 356 -13.95 0.91 -51.08
C ARG A 356 -15.30 0.73 -51.74
N ASP A 357 -16.38 0.97 -50.99
CA ASP A 357 -17.72 0.89 -51.58
C ASP A 357 -17.89 1.96 -52.65
N ALA A 358 -17.37 3.16 -52.42
CA ALA A 358 -17.56 4.25 -53.37
C ALA A 358 -16.87 3.99 -54.70
N GLY A 359 -15.82 3.17 -54.70
CA GLY A 359 -15.10 2.90 -55.94
C GLY A 359 -13.67 3.38 -55.91
N TYR A 360 -13.04 3.36 -54.75
CA TYR A 360 -11.67 3.81 -54.57
C TYR A 360 -10.73 2.62 -54.52
N ASP A 361 -9.55 2.79 -55.10
CA ASP A 361 -8.52 1.76 -55.04
C ASP A 361 -7.92 1.71 -53.63
N ASP A 362 -7.34 0.55 -53.29
CA ASP A 362 -6.84 0.34 -51.94
C ASP A 362 -5.72 1.30 -51.59
N ASP A 363 -4.82 1.56 -52.54
CA ASP A 363 -3.69 2.44 -52.27
C ASP A 363 -4.16 3.86 -51.94
N ILE A 364 -5.17 4.35 -52.65
CA ILE A 364 -5.67 5.70 -52.38
C ILE A 364 -6.31 5.76 -51.00
N CYS A 365 -7.08 4.74 -50.64
CA CYS A 365 -7.69 4.70 -49.30
C CYS A 365 -6.61 4.73 -48.23
N GLY A 366 -5.58 3.89 -48.37
CA GLY A 366 -4.52 3.87 -47.39
C GLY A 366 -3.78 5.19 -47.31
N GLY A 367 -3.50 5.81 -48.47
CA GLY A 367 -2.79 7.06 -48.46
C GLY A 367 -3.56 8.18 -47.79
N ILE A 368 -4.85 8.29 -48.11
CA ILE A 368 -5.68 9.33 -47.49
C ILE A 368 -5.79 9.09 -46.00
N THR A 369 -6.03 7.84 -45.58
CA THR A 369 -6.19 7.56 -44.17
C THR A 369 -4.92 7.86 -43.39
N ALA A 370 -3.75 7.53 -43.96
CA ALA A 370 -2.50 7.80 -43.27
C ALA A 370 -2.16 9.28 -43.26
N ALA A 371 -2.50 10.00 -44.33
CA ALA A 371 -2.14 11.40 -44.42
C ALA A 371 -3.03 12.28 -43.55
N SER A 372 -4.32 11.92 -43.43
CA SER A 372 -5.24 12.76 -42.67
C SER A 372 -4.98 12.73 -41.17
N CYS A 373 -4.12 11.84 -40.69
CA CYS A 373 -3.86 11.74 -39.26
C CYS A 373 -3.03 12.91 -38.72
N ILE A 374 -2.19 13.53 -39.55
CA ILE A 374 -1.32 14.59 -39.05
C ILE A 374 -2.05 15.87 -38.69
N ILE A 375 -3.34 15.97 -39.03
CA ILE A 375 -4.11 17.17 -38.67
C ILE A 375 -4.27 17.27 -37.16
N GLY A 376 -4.40 16.13 -36.49
CA GLY A 376 -4.68 16.09 -35.07
C GLY A 376 -3.66 16.83 -34.21
N PRO A 377 -2.38 16.46 -34.30
CA PRO A 377 -1.37 17.13 -33.47
C PRO A 377 -1.20 18.61 -33.78
N LEU A 378 -1.61 19.07 -34.96
CA LEU A 378 -1.42 20.48 -35.31
C LEU A 378 -2.52 21.34 -34.73
N VAL A 379 -3.78 20.99 -35.00
CA VAL A 379 -4.91 21.76 -34.47
C VAL A 379 -4.95 21.61 -32.94
N PRO A 380 -5.10 22.69 -32.18
CA PRO A 380 -5.11 22.55 -30.73
C PRO A 380 -6.37 21.83 -30.27
N PRO A 381 -6.31 21.12 -29.13
CA PRO A 381 -5.18 20.92 -28.24
C PRO A 381 -4.13 19.97 -28.80
N SER A 382 -2.90 20.00 -28.29
CA SER A 382 -1.82 19.19 -28.82
C SER A 382 -0.86 18.83 -27.70
N ILE A 383 -0.54 17.54 -27.59
CA ILE A 383 0.41 17.10 -26.57
C ILE A 383 1.81 17.56 -26.92
N ALA A 384 2.19 17.51 -28.20
CA ALA A 384 3.52 17.91 -28.62
C ALA A 384 3.77 19.38 -28.33
N MET A 385 2.78 20.24 -28.59
CA MET A 385 2.94 21.66 -28.30
C MET A 385 3.08 21.90 -26.80
N ILE A 386 2.32 21.16 -25.99
CA ILE A 386 2.45 21.29 -24.54
C ILE A 386 3.84 20.89 -24.09
N ILE A 387 4.37 19.80 -24.64
CA ILE A 387 5.71 19.36 -24.27
C ILE A 387 6.75 20.41 -24.66
N TYR A 388 6.63 20.96 -25.87
CA TYR A 388 7.58 21.98 -26.30
C TYR A 388 7.49 23.22 -25.41
N GLY A 389 6.27 23.64 -25.08
CA GLY A 389 6.11 24.80 -24.21
C GLY A 389 6.66 24.57 -22.81
N VAL A 390 6.54 23.34 -22.31
CA VAL A 390 7.10 23.04 -20.99
C VAL A 390 8.62 23.05 -21.05
N ILE A 391 9.20 22.46 -22.09
CA ILE A 391 10.66 22.40 -22.19
C ILE A 391 11.25 23.79 -22.38
N ALA A 392 10.63 24.61 -23.24
CA ALA A 392 11.15 25.92 -23.59
C ALA A 392 10.60 27.04 -22.72
N ASN A 393 9.75 26.73 -21.75
CA ASN A 393 9.17 27.72 -20.85
C ASN A 393 8.42 28.81 -21.63
N GLU A 394 7.53 28.40 -22.52
CA GLU A 394 6.73 29.29 -23.32
C GLU A 394 5.25 29.10 -23.01
N SER A 395 4.47 30.14 -23.30
CA SER A 395 3.04 30.10 -23.04
C SER A 395 2.35 29.16 -24.02
N ILE A 396 1.54 28.25 -23.49
CA ILE A 396 0.91 27.23 -24.33
C ILE A 396 -0.17 27.85 -25.21
N ALA A 397 -0.87 28.87 -24.69
CA ALA A 397 -1.96 29.47 -25.45
C ALA A 397 -1.46 30.10 -26.75
N LYS A 398 -0.33 30.80 -26.68
CA LYS A 398 0.22 31.40 -27.90
C LYS A 398 0.63 30.32 -28.90
N LEU A 399 1.17 29.20 -28.42
CA LEU A 399 1.52 28.11 -29.31
C LEU A 399 0.28 27.55 -29.99
N PHE A 400 -0.81 27.38 -29.24
CA PHE A 400 -2.05 26.88 -29.82
C PHE A 400 -2.57 27.84 -30.91
N ILE A 401 -2.59 29.13 -30.58
CA ILE A 401 -3.10 30.12 -31.53
C ILE A 401 -2.22 30.14 -32.79
N ALA A 402 -0.90 30.05 -32.61
CA ALA A 402 0.00 30.02 -33.77
C ALA A 402 -0.24 28.78 -34.62
N GLY A 403 -0.40 27.63 -33.99
CA GLY A 403 -0.54 26.38 -34.72
C GLY A 403 -1.90 26.13 -35.31
N PHE A 404 -2.90 26.94 -34.97
CA PHE A 404 -4.24 26.74 -35.54
C PHE A 404 -4.23 26.88 -37.06
N ILE A 405 -3.54 27.91 -37.59
CA ILE A 405 -3.59 28.16 -39.03
C ILE A 405 -2.96 27.04 -39.86
N PRO A 406 -1.78 26.51 -39.53
CA PRO A 406 -1.21 25.43 -40.36
C PRO A 406 -2.12 24.22 -40.48
N GLY A 407 -2.94 23.92 -39.48
CA GLY A 407 -3.90 22.84 -39.64
C GLY A 407 -4.89 23.10 -40.76
N VAL A 408 -5.40 24.33 -40.83
CA VAL A 408 -6.32 24.70 -41.90
C VAL A 408 -5.62 24.62 -43.25
N LEU A 409 -4.37 25.09 -43.32
CA LEU A 409 -3.63 24.99 -44.57
C LEU A 409 -3.44 23.55 -45.01
N ILE A 410 -3.09 22.67 -44.06
CA ILE A 410 -2.92 21.25 -44.37
C ILE A 410 -4.23 20.66 -44.89
N THR A 411 -5.34 20.98 -44.23
CA THR A 411 -6.63 20.44 -44.65
C THR A 411 -6.98 20.88 -46.06
N LEU A 412 -6.78 22.17 -46.36
CA LEU A 412 -7.10 22.67 -47.70
C LEU A 412 -6.21 22.02 -48.75
N ALA A 413 -4.91 21.88 -48.47
CA ALA A 413 -4.01 21.27 -49.43
C ALA A 413 -4.38 19.82 -49.70
N LEU A 414 -4.69 19.06 -48.64
CA LEU A 414 -5.07 17.66 -48.83
C LEU A 414 -6.36 17.55 -49.61
N MET A 415 -7.34 18.42 -49.33
CA MET A 415 -8.59 18.38 -50.09
C MET A 415 -8.35 18.68 -51.57
N ALA A 416 -7.50 19.66 -51.86
CA ALA A 416 -7.21 19.97 -53.26
C ALA A 416 -6.53 18.81 -53.96
N MET A 417 -5.56 18.17 -53.30
CA MET A 417 -4.89 17.03 -53.91
C MET A 417 -5.86 15.88 -54.15
N ASN A 418 -6.74 15.61 -53.19
CA ASN A 418 -7.72 14.54 -53.36
C ASN A 418 -8.65 14.84 -54.53
N TYR A 419 -9.10 16.09 -54.64
CA TYR A 419 -9.94 16.46 -55.78
C TYR A 419 -9.23 16.28 -57.10
N ARG A 420 -7.96 16.69 -57.18
CA ARG A 420 -7.21 16.55 -58.43
C ARG A 420 -7.05 15.08 -58.81
N ILE A 421 -6.70 14.23 -57.84
CA ILE A 421 -6.51 12.81 -58.13
C ILE A 421 -7.83 12.18 -58.58
N ALA A 422 -8.91 12.48 -57.86
CA ALA A 422 -10.21 11.91 -58.21
C ALA A 422 -10.65 12.34 -59.60
N LYS A 423 -10.47 13.63 -59.92
CA LYS A 423 -10.85 14.11 -61.25
C LYS A 423 -10.00 13.45 -62.33
N LYS A 424 -8.71 13.26 -62.07
CA LYS A 424 -7.86 12.60 -63.04
C LYS A 424 -8.30 11.16 -63.29
N ARG A 425 -8.63 10.43 -62.22
CA ARG A 425 -9.00 9.03 -62.36
C ARG A 425 -10.45 8.81 -62.77
N GLY A 426 -11.27 9.85 -62.73
CA GLY A 426 -12.67 9.73 -63.15
C GLY A 426 -13.53 8.83 -62.30
N TYR A 427 -13.42 8.94 -60.97
CA TYR A 427 -14.22 8.14 -60.08
C TYR A 427 -15.68 8.61 -60.12
N PRO A 428 -16.63 7.70 -59.88
CA PRO A 428 -18.04 8.07 -59.94
C PRO A 428 -18.44 8.94 -58.76
N ARG A 429 -19.58 9.62 -58.91
CA ARG A 429 -20.11 10.53 -57.91
C ARG A 429 -21.33 9.94 -57.24
N THR A 430 -21.37 10.05 -55.91
CA THR A 430 -22.49 9.55 -55.14
C THR A 430 -23.68 10.49 -55.25
N PRO A 431 -24.90 9.96 -55.11
CA PRO A 431 -26.09 10.84 -55.21
C PRO A 431 -26.17 11.84 -54.07
N LYS A 432 -26.78 12.98 -54.38
CA LYS A 432 -26.92 14.06 -53.40
C LYS A 432 -27.86 13.65 -52.27
N ALA A 433 -27.48 14.02 -51.05
CA ALA A 433 -28.28 13.73 -49.87
C ALA A 433 -29.41 14.74 -49.73
N THR A 434 -30.58 14.25 -49.30
CA THR A 434 -31.73 15.11 -49.10
C THR A 434 -31.56 15.92 -47.81
N ARG A 435 -32.28 17.04 -47.73
CA ARG A 435 -32.13 17.95 -46.59
C ARG A 435 -32.56 17.28 -45.29
N GLU A 436 -33.58 16.42 -45.33
CA GLU A 436 -34.10 15.81 -44.12
C GLU A 436 -33.03 14.96 -43.44
N GLN A 437 -32.30 14.16 -44.20
CA GLN A 437 -31.26 13.33 -43.62
C GLN A 437 -30.15 14.18 -43.02
N LEU A 438 -29.76 15.26 -43.68
CA LEU A 438 -28.74 16.15 -43.14
C LEU A 438 -29.20 16.77 -41.83
N CYS A 439 -30.45 17.24 -41.77
CA CYS A 439 -30.97 17.82 -40.55
C CYS A 439 -31.02 16.80 -39.42
N SER A 440 -31.47 15.58 -39.72
CA SER A 440 -31.52 14.55 -38.69
C SER A 440 -30.13 14.21 -38.16
N SER A 441 -29.15 14.08 -39.06
CA SER A 441 -27.80 13.78 -38.62
C SER A 441 -27.21 14.90 -37.79
N PHE A 442 -27.49 16.15 -38.18
CA PHE A 442 -27.01 17.28 -37.39
C PHE A 442 -27.65 17.28 -36.00
N LYS A 443 -28.94 16.99 -35.92
CA LYS A 443 -29.59 16.93 -34.62
C LYS A 443 -29.01 15.82 -33.77
N GLN A 444 -28.68 14.68 -34.38
CA GLN A 444 -28.09 13.58 -33.63
C GLN A 444 -26.71 13.95 -33.09
N SER A 445 -25.89 14.62 -33.91
CA SER A 445 -24.50 14.88 -33.54
C SER A 445 -24.27 16.28 -32.97
N PHE A 446 -25.34 17.02 -32.66
CA PHE A 446 -25.22 18.37 -32.11
C PHE A 446 -24.27 18.43 -30.92
N TRP A 447 -24.62 17.74 -29.84
CA TRP A 447 -23.83 17.83 -28.61
C TRP A 447 -22.45 17.23 -28.76
N ALA A 448 -22.32 16.20 -29.60
CA ALA A 448 -21.00 15.61 -29.85
C ALA A 448 -20.08 16.62 -30.53
N ILE A 449 -20.58 17.37 -31.51
CA ILE A 449 -19.72 18.30 -32.23
C ILE A 449 -19.63 19.66 -31.56
N LEU A 450 -20.40 19.90 -30.50
CA LEU A 450 -20.27 21.16 -29.79
C LEU A 450 -18.94 21.30 -29.05
N THR A 451 -18.22 20.19 -28.80
CA THR A 451 -17.01 20.26 -27.99
C THR A 451 -15.88 21.08 -28.61
N PRO A 452 -15.49 20.89 -29.88
CA PRO A 452 -14.39 21.71 -30.42
C PRO A 452 -14.69 23.19 -30.38
N LEU A 453 -15.94 23.58 -30.59
CA LEU A 453 -16.33 24.97 -30.47
C LEU A 453 -16.08 25.48 -29.06
N LEU A 454 -16.41 24.65 -28.06
CA LEU A 454 -16.15 25.01 -26.67
C LEU A 454 -14.66 25.22 -26.42
N ILE A 455 -13.84 24.31 -26.94
CA ILE A 455 -12.40 24.42 -26.73
C ILE A 455 -11.85 25.70 -27.37
N ILE A 456 -12.24 25.96 -28.62
CA ILE A 456 -11.70 27.11 -29.33
C ILE A 456 -12.21 28.41 -28.71
N GLY A 457 -13.47 28.46 -28.30
CA GLY A 457 -13.98 29.63 -27.64
C GLY A 457 -13.31 29.89 -26.30
N GLY A 458 -13.01 28.83 -25.56
CA GLY A 458 -12.31 29.00 -24.30
C GLY A 458 -10.89 29.49 -24.50
N ILE A 459 -10.19 28.96 -25.49
CA ILE A 459 -8.78 29.28 -25.66
C ILE A 459 -8.62 30.66 -26.32
N PHE A 460 -9.23 30.85 -27.48
CA PHE A 460 -8.98 32.06 -28.26
C PHE A 460 -9.48 33.31 -27.54
N SER A 461 -10.66 33.24 -26.92
CA SER A 461 -11.22 34.41 -26.27
C SER A 461 -10.45 34.80 -25.01
N GLY A 462 -9.63 33.91 -24.47
CA GLY A 462 -8.86 34.20 -23.29
C GLY A 462 -9.62 34.08 -21.98
N LEU A 463 -10.87 33.62 -22.01
CA LEU A 463 -11.63 33.45 -20.78
C LEU A 463 -11.04 32.37 -19.90
N PHE A 464 -10.34 31.40 -20.48
CA PHE A 464 -9.78 30.27 -19.76
C PHE A 464 -8.32 30.07 -20.13
N SER A 465 -7.58 29.52 -19.18
CA SER A 465 -6.24 28.99 -19.41
C SER A 465 -6.33 27.59 -19.98
N PRO A 466 -5.25 27.07 -20.58
CA PRO A 466 -5.32 25.72 -21.14
C PRO A 466 -5.73 24.64 -20.15
N THR A 467 -5.27 24.73 -18.90
CA THR A 467 -5.64 23.73 -17.90
C THR A 467 -7.12 23.83 -17.55
N GLU A 468 -7.63 25.04 -17.34
CA GLU A 468 -9.05 25.22 -17.07
C GLU A 468 -9.88 24.77 -18.26
N SER A 469 -9.41 25.05 -19.48
CA SER A 469 -10.10 24.59 -20.68
C SER A 469 -10.17 23.07 -20.71
N ALA A 470 -9.07 22.40 -20.38
CA ALA A 470 -9.09 20.93 -20.35
C ALA A 470 -10.04 20.40 -19.30
N ILE A 471 -10.08 21.03 -18.13
CA ILE A 471 -10.99 20.59 -17.07
C ILE A 471 -12.44 20.74 -17.51
N VAL A 472 -12.76 21.88 -18.12
CA VAL A 472 -14.13 22.10 -18.59
C VAL A 472 -14.49 21.09 -19.66
N ALA A 473 -13.55 20.80 -20.58
CA ALA A 473 -13.81 19.82 -21.62
C ALA A 473 -14.08 18.44 -21.03
N ALA A 474 -13.28 18.03 -20.05
CA ALA A 474 -13.50 16.74 -19.41
C ALA A 474 -14.86 16.67 -18.74
N ALA A 475 -15.24 17.73 -18.03
CA ALA A 475 -16.53 17.74 -17.36
C ALA A 475 -17.67 17.66 -18.37
N TYR A 476 -17.58 18.42 -19.46
CA TYR A 476 -18.63 18.40 -20.47
C TYR A 476 -18.72 17.03 -21.14
N SER A 477 -17.57 16.41 -21.43
CA SER A 477 -17.59 15.09 -22.04
C SER A 477 -18.21 14.06 -21.10
N VAL A 478 -17.90 14.13 -19.81
CA VAL A 478 -18.51 13.21 -18.85
C VAL A 478 -20.01 13.40 -18.82
N ILE A 479 -20.46 14.66 -18.78
CA ILE A 479 -21.90 14.92 -18.72
C ILE A 479 -22.60 14.40 -19.97
N ILE A 480 -22.00 14.63 -21.14
CA ILE A 480 -22.61 14.17 -22.38
C ILE A 480 -22.68 12.65 -22.43
N GLY A 481 -21.59 11.98 -22.04
CA GLY A 481 -21.58 10.53 -22.05
C GLY A 481 -22.57 9.92 -21.06
N LYS A 482 -22.80 10.60 -19.94
CA LYS A 482 -23.66 10.02 -18.91
C LYS A 482 -25.14 10.34 -19.10
N PHE A 483 -25.49 11.57 -19.46
CA PHE A 483 -26.89 12.00 -19.43
C PHE A 483 -27.52 12.19 -20.80
N VAL A 484 -26.73 12.47 -21.84
CA VAL A 484 -27.27 12.75 -23.15
C VAL A 484 -27.25 11.52 -24.05
N TYR A 485 -26.12 10.80 -24.09
CA TYR A 485 -26.00 9.62 -24.93
C TYR A 485 -26.22 8.31 -24.18
N LYS A 486 -26.15 8.32 -22.85
CA LYS A 486 -26.37 7.13 -22.03
C LYS A 486 -25.45 5.99 -22.45
N GLU A 487 -24.15 6.30 -22.49
CA GLU A 487 -23.15 5.32 -22.91
C GLU A 487 -21.96 5.24 -21.96
N LEU A 488 -22.10 5.73 -20.73
CA LEU A 488 -20.99 5.77 -19.78
C LEU A 488 -21.37 5.07 -18.49
N THR A 489 -20.38 4.49 -17.83
CA THR A 489 -20.57 3.80 -16.57
C THR A 489 -19.38 4.13 -15.66
N LEU A 490 -19.60 4.00 -14.34
CA LEU A 490 -18.56 4.34 -13.39
C LEU A 490 -17.31 3.49 -13.60
N LYS A 491 -17.49 2.21 -13.92
CA LYS A 491 -16.35 1.35 -14.19
C LYS A 491 -15.58 1.85 -15.40
N SER A 492 -16.29 2.23 -16.46
CA SER A 492 -15.63 2.76 -17.65
C SER A 492 -14.87 4.05 -17.35
N LEU A 493 -15.47 4.91 -16.53
CA LEU A 493 -14.79 6.16 -16.15
C LEU A 493 -13.52 5.88 -15.38
N PHE A 494 -13.58 4.93 -14.43
CA PHE A 494 -12.38 4.58 -13.67
C PHE A 494 -11.30 4.00 -14.56
N ASN A 495 -11.69 3.12 -15.50
CA ASN A 495 -10.72 2.55 -16.41
C ASN A 495 -10.09 3.62 -17.30
N SER A 496 -10.88 4.57 -17.76
CA SER A 496 -10.34 5.66 -18.56
C SER A 496 -9.35 6.49 -17.77
N CYS A 497 -9.67 6.79 -16.50
CA CYS A 497 -8.75 7.53 -15.65
C CYS A 497 -7.46 6.75 -15.44
N ILE A 498 -7.57 5.44 -15.24
CA ILE A 498 -6.38 4.61 -15.06
C ILE A 498 -5.50 4.64 -16.30
N GLU A 499 -6.11 4.53 -17.48
CA GLU A 499 -5.35 4.57 -18.71
C GLU A 499 -4.68 5.92 -18.90
N ALA A 500 -5.39 7.00 -18.58
CA ALA A 500 -4.81 8.33 -18.72
C ALA A 500 -3.60 8.50 -17.79
N MET A 501 -3.71 8.04 -16.54
CA MET A 501 -2.58 8.12 -15.63
C MET A 501 -1.40 7.28 -16.12
N ALA A 502 -1.69 6.08 -16.64
CA ALA A 502 -0.63 5.22 -17.14
C ALA A 502 0.11 5.84 -18.30
N ILE A 503 -0.61 6.50 -19.21
CA ILE A 503 0.06 7.13 -20.34
C ILE A 503 0.69 8.46 -19.94
N THR A 504 0.25 9.06 -18.83
CA THR A 504 0.85 10.30 -18.36
C THR A 504 2.20 10.06 -17.69
N GLY A 505 2.32 8.93 -16.98
CA GLY A 505 3.57 8.66 -16.28
C GLY A 505 4.78 8.56 -17.20
N VAL A 506 4.59 7.98 -18.39
CA VAL A 506 5.69 7.84 -19.34
C VAL A 506 6.21 9.21 -19.75
N VAL A 507 5.31 10.16 -20.01
CA VAL A 507 5.73 11.51 -20.37
C VAL A 507 6.36 12.19 -19.17
N ALA A 508 5.84 11.95 -17.96
CA ALA A 508 6.33 12.62 -16.77
C ALA A 508 7.79 12.26 -16.49
N LEU A 509 8.13 10.99 -16.64
CA LEU A 509 9.51 10.57 -16.38
C LEU A 509 10.48 11.29 -17.33
N MET A 510 10.15 11.32 -18.61
CA MET A 510 11.01 11.99 -19.57
C MET A 510 11.07 13.49 -19.32
N ILE A 511 9.97 14.09 -18.87
CA ILE A 511 9.97 15.52 -18.57
C ILE A 511 10.94 15.82 -17.44
N MET A 512 10.87 15.04 -16.35
CA MET A 512 11.76 15.32 -15.22
C MET A 512 13.22 15.06 -15.60
N THR A 513 13.48 14.02 -16.39
CA THR A 513 14.87 13.73 -16.75
C THR A 513 15.42 14.76 -17.72
N VAL A 514 14.59 15.28 -18.63
CA VAL A 514 15.07 16.32 -19.54
C VAL A 514 15.29 17.62 -18.80
N THR A 515 14.48 17.90 -17.77
CA THR A 515 14.75 19.06 -16.93
C THR A 515 16.09 18.92 -16.22
N PHE A 516 16.41 17.70 -15.77
CA PHE A 516 17.74 17.47 -15.18
C PHE A 516 18.84 17.66 -16.23
N PHE A 517 18.61 17.17 -17.46
CA PHE A 517 19.62 17.23 -18.51
C PHE A 517 19.90 18.67 -18.94
N GLY A 518 18.88 19.52 -18.93
CA GLY A 518 19.06 20.90 -19.37
C GLY A 518 20.08 21.67 -18.54
N ASP A 519 20.17 21.36 -17.24
CA ASP A 519 21.16 22.02 -16.40
C ASP A 519 22.57 21.71 -16.87
N MET A 520 22.83 20.43 -17.18
CA MET A 520 24.14 20.06 -17.71
C MET A 520 24.40 20.73 -19.06
N ILE A 521 23.38 20.77 -19.92
CA ILE A 521 23.56 21.36 -21.24
C ILE A 521 23.90 22.84 -21.12
N ALA A 522 23.19 23.57 -20.26
CA ALA A 522 23.38 25.02 -20.18
C ALA A 522 24.59 25.40 -19.33
N ARG A 523 25.05 24.51 -18.46
CA ARG A 523 26.15 24.87 -17.56
C ARG A 523 27.45 25.10 -18.33
N GLU A 524 27.73 24.26 -19.32
CA GLU A 524 29.00 24.30 -20.03
C GLU A 524 28.94 25.08 -21.33
N GLN A 525 27.80 25.70 -21.65
CA GLN A 525 27.65 26.53 -22.84
C GLN A 525 27.91 25.71 -24.11
N VAL A 526 27.10 24.67 -24.32
CA VAL A 526 27.23 23.86 -25.52
C VAL A 526 26.77 24.65 -26.74
N ALA A 527 25.65 25.36 -26.61
CA ALA A 527 25.06 26.06 -27.76
C ALA A 527 25.99 27.16 -28.28
N MET A 528 26.62 27.90 -27.36
CA MET A 528 27.53 28.96 -27.79
C MET A 528 28.72 28.40 -28.55
N ARG A 529 29.29 27.29 -28.06
CA ARG A 529 30.43 26.69 -28.75
C ARG A 529 30.03 26.13 -30.10
N VAL A 530 28.83 25.53 -30.19
CA VAL A 530 28.34 25.00 -31.47
C VAL A 530 28.16 26.14 -32.46
N ALA A 531 27.57 27.25 -32.02
CA ALA A 531 27.40 28.39 -32.91
C ALA A 531 28.73 28.97 -33.35
N ASP A 532 29.70 29.04 -32.44
CA ASP A 532 31.02 29.55 -32.80
C ASP A 532 31.69 28.64 -33.82
N VAL A 533 31.56 27.32 -33.65
CA VAL A 533 32.11 26.39 -34.63
C VAL A 533 31.45 26.57 -35.99
N PHE A 534 30.13 26.70 -36.01
CA PHE A 534 29.38 26.91 -37.25
C PHE A 534 29.42 28.39 -37.61
N VAL A 535 30.58 28.83 -38.09
CA VAL A 535 30.81 30.21 -38.47
C VAL A 535 30.59 30.33 -39.97
N ALA A 536 30.39 31.56 -40.43
CA ALA A 536 30.16 31.90 -41.83
C ALA A 536 28.84 31.34 -42.34
N VAL A 537 28.06 30.72 -41.44
CA VAL A 537 26.72 30.29 -41.79
C VAL A 537 25.69 31.02 -40.93
N ALA A 538 26.16 31.87 -40.02
CA ALA A 538 25.28 32.62 -39.15
C ALA A 538 24.81 33.90 -39.82
N ASP A 539 25.31 34.15 -41.04
CA ASP A 539 24.94 35.36 -41.79
C ASP A 539 23.45 35.39 -42.09
N SER A 540 22.88 34.25 -42.47
CA SER A 540 21.47 34.18 -42.81
C SER A 540 20.78 33.11 -41.98
N PRO A 541 19.74 33.49 -41.23
CA PRO A 541 19.01 32.47 -40.44
C PRO A 541 18.33 31.42 -41.29
N LEU A 542 18.08 31.73 -42.58
CA LEU A 542 17.44 30.76 -43.46
C LEU A 542 18.29 29.51 -43.64
N THR A 543 19.61 29.65 -43.75
CA THR A 543 20.49 28.50 -43.84
C THR A 543 20.42 27.63 -42.59
N VAL A 544 20.39 28.24 -41.40
CA VAL A 544 20.26 27.47 -40.17
C VAL A 544 18.93 26.74 -40.13
N LEU A 545 17.84 27.42 -40.52
CA LEU A 545 16.54 26.77 -40.54
C LEU A 545 16.51 25.61 -41.52
N ILE A 546 17.12 25.79 -42.69
CA ILE A 546 17.16 24.72 -43.70
C ILE A 546 17.93 23.53 -43.16
N MET A 547 19.08 23.77 -42.52
CA MET A 547 19.86 22.68 -41.97
C MET A 547 19.10 21.94 -40.88
N ILE A 548 18.42 22.68 -40.00
CA ILE A 548 17.66 22.05 -38.93
C ILE A 548 16.53 21.20 -39.51
N ASN A 549 15.81 21.74 -40.50
CA ASN A 549 14.72 20.99 -41.11
C ASN A 549 15.22 19.73 -41.79
N ALA A 550 16.34 19.83 -42.51
CA ALA A 550 16.88 18.66 -43.18
C ALA A 550 17.31 17.59 -42.18
N LEU A 551 17.96 18.02 -41.08
CA LEU A 551 18.37 17.05 -40.06
C LEU A 551 17.15 16.37 -39.43
N LEU A 552 16.10 17.14 -39.13
CA LEU A 552 14.91 16.55 -38.53
C LEU A 552 14.24 15.58 -39.49
N LEU A 553 14.18 15.93 -40.78
CA LEU A 553 13.58 15.03 -41.76
C LEU A 553 14.38 13.74 -41.89
N PHE A 554 15.71 13.85 -41.89
CA PHE A 554 16.54 12.65 -41.99
C PHE A 554 16.36 11.77 -40.75
N LEU A 555 16.36 12.37 -39.56
CA LEU A 555 16.26 11.59 -38.34
C LEU A 555 14.87 11.00 -38.14
N GLY A 556 13.85 11.60 -38.75
CA GLY A 556 12.50 11.11 -38.55
C GLY A 556 12.17 9.84 -39.29
N MET A 557 13.08 9.35 -40.14
CA MET A 557 12.84 8.13 -40.89
C MET A 557 13.14 6.86 -40.10
N PHE A 558 13.78 6.96 -38.94
CA PHE A 558 14.16 5.79 -38.16
C PHE A 558 13.82 5.88 -36.68
N ILE A 559 13.37 7.04 -36.18
CA ILE A 559 13.09 7.22 -34.76
C ILE A 559 11.66 7.71 -34.62
N ASP A 560 10.93 7.14 -33.66
CA ASP A 560 9.56 7.53 -33.41
C ASP A 560 9.49 8.97 -32.92
N ALA A 561 8.36 9.62 -33.22
CA ALA A 561 8.24 11.06 -32.96
C ALA A 561 8.34 11.37 -31.46
N LEU A 562 7.69 10.55 -30.64
CA LEU A 562 7.68 10.83 -29.19
C LEU A 562 9.08 10.82 -28.62
N ALA A 563 9.88 9.82 -28.99
CA ALA A 563 11.27 9.77 -28.52
C ALA A 563 12.11 10.85 -29.20
N LEU A 564 11.86 11.10 -30.48
CA LEU A 564 12.66 12.06 -31.22
C LEU A 564 12.55 13.46 -30.63
N GLN A 565 11.34 13.83 -30.18
CA GLN A 565 11.14 15.16 -29.62
C GLN A 565 12.03 15.39 -28.41
N PHE A 566 11.98 14.48 -27.44
CA PHE A 566 12.82 14.61 -26.25
C PHE A 566 14.29 14.40 -26.58
N LEU A 567 14.58 13.72 -27.69
CA LEU A 567 15.97 13.51 -28.07
C LEU A 567 16.61 14.76 -28.64
N VAL A 568 15.85 15.54 -29.41
CA VAL A 568 16.43 16.58 -30.25
C VAL A 568 16.15 17.98 -29.69
N LEU A 569 15.06 18.17 -28.94
CA LEU A 569 14.75 19.51 -28.43
C LEU A 569 15.80 20.07 -27.49
N PRO A 570 16.32 19.32 -26.48
CA PRO A 570 17.21 19.94 -25.49
C PRO A 570 18.44 20.59 -26.07
N MET A 571 18.97 20.05 -27.16
CA MET A 571 20.17 20.60 -27.78
C MET A 571 19.86 21.60 -28.89
N LEU A 572 18.60 21.71 -29.31
CA LEU A 572 18.24 22.66 -30.36
C LEU A 572 17.64 23.95 -29.83
N ILE A 573 16.90 23.90 -28.72
CA ILE A 573 16.27 25.10 -28.20
C ILE A 573 17.31 26.16 -27.83
N PRO A 574 18.38 25.83 -27.09
CA PRO A 574 19.42 26.86 -26.86
C PRO A 574 20.08 27.34 -28.13
N ILE A 575 20.28 26.46 -29.11
CA ILE A 575 20.89 26.86 -30.38
C ILE A 575 19.98 27.84 -31.11
N ALA A 576 18.68 27.56 -31.13
CA ALA A 576 17.73 28.49 -31.73
C ALA A 576 17.73 29.82 -30.99
N MET A 577 17.82 29.79 -29.65
CA MET A 577 17.89 31.02 -28.88
C MET A 577 19.14 31.81 -29.21
N GLN A 578 20.22 31.12 -29.58
CA GLN A 578 21.48 31.81 -29.89
C GLN A 578 21.34 32.69 -31.12
N PHE A 579 20.62 32.22 -32.13
CA PHE A 579 20.49 32.93 -33.40
C PHE A 579 19.34 33.93 -33.42
N ASN A 580 18.76 34.25 -32.26
CA ASN A 580 17.65 35.19 -32.16
C ASN A 580 16.47 34.77 -33.03
N ILE A 581 16.14 33.48 -32.97
CA ILE A 581 15.00 32.93 -33.71
C ILE A 581 13.80 32.90 -32.78
N ASP A 582 12.66 33.41 -33.25
CA ASP A 582 11.46 33.42 -32.43
C ASP A 582 11.09 32.01 -32.00
N LEU A 583 10.78 31.86 -30.71
CA LEU A 583 10.56 30.53 -30.15
C LEU A 583 9.20 29.95 -30.52
N ILE A 584 8.18 30.79 -30.68
CA ILE A 584 6.86 30.29 -31.05
C ILE A 584 6.89 29.72 -32.47
N PHE A 585 7.47 30.47 -33.41
CA PHE A 585 7.60 29.99 -34.78
C PHE A 585 8.47 28.76 -34.84
N PHE A 586 9.56 28.74 -34.08
CA PHE A 586 10.44 27.58 -34.06
C PHE A 586 9.71 26.35 -33.53
N GLY A 587 8.90 26.52 -32.48
CA GLY A 587 8.14 25.41 -31.96
C GLY A 587 7.13 24.87 -32.94
N VAL A 588 6.42 25.76 -33.63
CA VAL A 588 5.45 25.32 -34.63
C VAL A 588 6.16 24.56 -35.74
N MET A 589 7.28 25.09 -36.22
CA MET A 589 8.00 24.46 -37.31
C MET A 589 8.52 23.09 -36.91
N THR A 590 9.10 22.99 -35.70
CA THR A 590 9.63 21.71 -35.25
C THR A 590 8.52 20.69 -35.05
N THR A 591 7.38 21.12 -34.50
CA THR A 591 6.26 20.21 -34.33
C THR A 591 5.78 19.68 -35.67
N LEU A 592 5.63 20.56 -36.66
CA LEU A 592 5.20 20.10 -37.98
C LEU A 592 6.22 19.16 -38.61
N ASN A 593 7.52 19.48 -38.48
CA ASN A 593 8.55 18.66 -39.08
C ASN A 593 8.59 17.28 -38.45
N MET A 594 8.42 17.20 -37.13
CA MET A 594 8.41 15.89 -36.47
C MET A 594 7.14 15.12 -36.76
N MET A 595 6.00 15.80 -36.90
CA MET A 595 4.78 15.11 -37.27
C MET A 595 4.82 14.59 -38.69
N VAL A 596 5.63 15.21 -39.56
CA VAL A 596 5.82 14.67 -40.90
C VAL A 596 6.44 13.28 -40.83
N GLY A 597 7.35 13.07 -39.89
CA GLY A 597 8.12 11.84 -39.78
C GLY A 597 7.35 10.57 -39.52
N ILE A 598 6.09 10.67 -39.08
CA ILE A 598 5.27 9.48 -38.86
C ILE A 598 4.62 8.98 -40.13
N LEU A 599 4.99 9.54 -41.28
CA LEU A 599 4.45 9.13 -42.57
C LEU A 599 5.51 8.59 -43.52
N THR A 600 6.78 8.68 -43.16
CA THR A 600 7.87 8.36 -44.10
C THR A 600 8.41 6.98 -43.82
N PRO A 601 8.72 6.19 -44.85
CA PRO A 601 9.35 4.88 -44.63
C PRO A 601 10.81 5.05 -44.24
N PRO A 602 11.43 4.00 -43.66
CA PRO A 602 10.90 2.66 -43.38
C PRO A 602 10.18 2.58 -42.05
N MET A 603 10.27 3.59 -41.18
CA MET A 603 9.61 3.58 -39.89
C MET A 603 8.55 4.67 -39.84
N GLY A 604 7.29 4.27 -39.79
CA GLY A 604 6.20 5.20 -39.56
C GLY A 604 5.04 4.50 -38.88
N MET A 605 4.60 5.01 -37.73
CA MET A 605 3.55 4.34 -36.99
C MET A 605 2.22 4.42 -37.74
N ALA A 606 1.98 5.54 -38.42
CA ALA A 606 0.73 5.69 -39.16
C ALA A 606 0.60 4.64 -40.26
N LEU A 607 1.69 4.37 -40.98
CA LEU A 607 1.64 3.37 -42.04
C LEU A 607 1.28 2.01 -41.49
N PHE A 608 1.93 1.59 -40.40
CA PHE A 608 1.65 0.29 -39.81
C PHE A 608 0.22 0.20 -39.30
N VAL A 609 -0.26 1.26 -38.63
CA VAL A 609 -1.60 1.25 -38.09
C VAL A 609 -2.64 1.18 -39.20
N VAL A 610 -2.44 1.97 -40.26
CA VAL A 610 -3.38 1.97 -41.37
C VAL A 610 -3.38 0.62 -42.08
N ALA A 611 -2.19 0.04 -42.28
CA ALA A 611 -2.12 -1.27 -42.92
C ALA A 611 -2.82 -2.34 -42.09
N ARG A 612 -2.64 -2.30 -40.77
CA ARG A 612 -3.30 -3.28 -39.91
C ARG A 612 -4.81 -3.11 -39.93
N VAL A 613 -5.28 -1.86 -39.87
CA VAL A 613 -6.72 -1.60 -39.80
C VAL A 613 -7.39 -1.97 -41.12
N GLY A 614 -6.83 -1.54 -42.23
CA GLY A 614 -7.43 -1.76 -43.52
C GLY A 614 -7.19 -3.13 -44.13
N ASN A 615 -6.39 -3.98 -43.47
CA ASN A 615 -6.08 -5.31 -43.97
C ASN A 615 -5.44 -5.26 -45.36
N MET A 616 -4.32 -4.56 -45.43
CA MET A 616 -3.57 -4.43 -46.67
C MET A 616 -2.09 -4.35 -46.34
N SER A 617 -1.26 -4.67 -47.33
CA SER A 617 0.18 -4.71 -47.13
C SER A 617 0.76 -3.31 -46.93
N VAL A 618 1.90 -3.26 -46.26
CA VAL A 618 2.55 -1.97 -45.97
C VAL A 618 3.11 -1.33 -47.23
N SER A 619 3.57 -2.13 -48.20
CA SER A 619 4.10 -1.56 -49.44
C SER A 619 3.04 -0.77 -50.19
N THR A 620 1.83 -1.33 -50.29
CA THR A 620 0.74 -0.62 -50.96
C THR A 620 0.37 0.65 -50.21
N VAL A 621 0.37 0.60 -48.88
CA VAL A 621 0.08 1.80 -48.10
C VAL A 621 1.12 2.87 -48.36
N THR A 622 2.40 2.49 -48.40
CA THR A 622 3.45 3.46 -48.66
C THR A 622 3.32 4.04 -50.07
N LYS A 623 3.01 3.20 -51.05
CA LYS A 623 2.85 3.69 -52.42
C LYS A 623 1.69 4.66 -52.53
N GLY A 624 0.59 4.37 -51.84
CA GLY A 624 -0.53 5.30 -51.81
C GLY A 624 -0.21 6.60 -51.08
N VAL A 625 0.59 6.50 -50.02
CA VAL A 625 0.94 7.69 -49.24
C VAL A 625 1.84 8.62 -50.04
N LEU A 626 2.74 8.06 -50.85
CA LEU A 626 3.78 8.83 -51.52
C LEU A 626 3.29 10.07 -52.26
N PRO A 627 2.21 10.01 -53.06
CA PRO A 627 1.77 11.23 -53.75
C PRO A 627 1.23 12.31 -52.82
N PHE A 628 0.87 11.98 -51.59
CA PHE A 628 0.27 12.95 -50.68
C PHE A 628 1.28 13.67 -49.80
N LEU A 629 2.57 13.36 -49.95
CA LEU A 629 3.59 14.07 -49.17
C LEU A 629 3.96 15.41 -49.77
N ILE A 630 3.56 15.67 -51.02
CA ILE A 630 3.90 16.95 -51.66
C ILE A 630 3.23 18.13 -50.97
N PRO A 631 1.93 18.13 -50.66
CA PRO A 631 1.35 19.31 -50.00
C PRO A 631 1.97 19.63 -48.66
N VAL A 632 2.34 18.61 -47.89
CA VAL A 632 2.93 18.86 -46.57
C VAL A 632 4.30 19.51 -46.72
N PHE A 633 5.12 19.03 -47.64
CA PHE A 633 6.42 19.66 -47.89
C PHE A 633 6.24 21.07 -48.40
N VAL A 634 5.26 21.30 -49.26
CA VAL A 634 5.01 22.63 -49.80
C VAL A 634 4.65 23.61 -48.70
N THR A 635 3.74 23.21 -47.80
CA THR A 635 3.34 24.11 -46.73
C THR A 635 4.46 24.31 -45.72
N LEU A 636 5.28 23.28 -45.50
CA LEU A 636 6.44 23.44 -44.62
C LEU A 636 7.41 24.46 -45.19
N VAL A 637 7.69 24.39 -46.49
CA VAL A 637 8.56 25.37 -47.12
C VAL A 637 7.94 26.76 -47.05
N LEU A 638 6.63 26.84 -47.27
CA LEU A 638 5.94 28.13 -47.25
C LEU A 638 6.05 28.79 -45.87
N ILE A 639 5.83 28.03 -44.81
CA ILE A 639 5.93 28.62 -43.48
C ILE A 639 7.38 28.90 -43.11
N THR A 640 8.32 28.10 -43.62
CA THR A 640 9.73 28.38 -43.34
C THR A 640 10.17 29.69 -43.97
N ILE A 641 9.78 29.94 -45.21
CA ILE A 641 10.17 31.18 -45.88
C ILE A 641 9.47 32.41 -45.30
N PHE A 642 8.18 32.30 -44.96
CA PHE A 642 7.39 33.44 -44.50
C PHE A 642 6.91 33.19 -43.08
N PRO A 643 7.71 33.56 -42.08
CA PRO A 643 7.27 33.38 -40.68
C PRO A 643 6.11 34.27 -40.29
N GLN A 644 5.86 35.35 -41.05
CA GLN A 644 4.79 36.27 -40.67
C GLN A 644 3.43 35.60 -40.69
N ILE A 645 3.26 34.56 -41.51
CA ILE A 645 1.98 33.84 -41.55
C ILE A 645 1.68 33.26 -40.17
N ILE A 646 2.66 32.61 -39.56
CA ILE A 646 2.47 32.05 -38.22
C ILE A 646 2.39 33.17 -37.19
N THR A 647 3.27 34.17 -37.29
CA THR A 647 3.42 35.15 -36.24
C THR A 647 2.29 36.19 -36.20
N PHE A 648 1.51 36.34 -37.27
CA PHE A 648 0.52 37.42 -37.31
C PHE A 648 -0.61 37.20 -36.31
N VAL A 649 -1.20 36.00 -36.31
CA VAL A 649 -2.41 35.77 -35.50
C VAL A 649 -2.17 35.92 -34.01
N PRO A 650 -1.14 35.29 -33.40
CA PRO A 650 -0.95 35.49 -31.96
C PRO A 650 -0.67 36.92 -31.58
N ASN A 651 0.05 37.67 -32.41
CA ASN A 651 0.32 39.07 -32.11
C ASN A 651 -0.97 39.90 -32.14
N LEU A 652 -1.83 39.64 -33.13
CA LEU A 652 -3.09 40.36 -33.21
C LEU A 652 -3.98 40.02 -32.03
N LEU A 653 -4.07 38.74 -31.68
CA LEU A 653 -4.96 38.34 -30.60
C LEU A 653 -4.39 38.72 -29.23
N ILE A 654 -3.09 38.51 -29.04
CA ILE A 654 -2.47 38.81 -27.75
C ILE A 654 -1.29 39.76 -27.93
N ASN B 44 -9.02 -8.85 -0.30
CA ASN B 44 -8.60 -7.60 0.31
C ASN B 44 -7.49 -7.83 1.34
N LYS B 45 -6.31 -8.15 0.86
CA LYS B 45 -5.14 -8.38 1.71
C LYS B 45 -4.32 -7.11 1.92
N LEU B 46 -4.95 -5.93 1.83
CA LEU B 46 -4.21 -4.69 1.92
C LEU B 46 -3.54 -4.53 3.28
N GLU B 47 -4.25 -4.87 4.35
CA GLU B 47 -3.65 -4.77 5.68
C GLU B 47 -2.62 -5.86 5.93
N GLU B 48 -2.88 -7.07 5.42
CA GLU B 48 -1.94 -8.18 5.63
C GLU B 48 -0.62 -7.92 4.93
N TRP B 49 -0.68 -7.40 3.69
CA TRP B 49 0.56 -7.13 2.95
C TRP B 49 1.38 -6.05 3.64
N LEU B 50 0.72 -4.97 4.09
CA LEU B 50 1.45 -3.88 4.72
C LEU B 50 1.89 -4.26 6.13
N GLY B 51 1.06 -4.99 6.85
CA GLY B 51 1.43 -5.39 8.20
C GLY B 51 2.61 -6.34 8.23
N GLY B 52 2.64 -7.30 7.31
CA GLY B 52 3.76 -8.22 7.25
C GLY B 52 5.06 -7.53 6.89
N ALA B 53 4.99 -6.50 6.05
CA ALA B 53 6.18 -5.73 5.73
C ALA B 53 6.73 -5.03 6.95
N LEU B 54 5.86 -4.48 7.80
CA LEU B 54 6.31 -3.84 9.03
C LEU B 54 6.83 -4.87 10.03
N PHE B 55 6.25 -6.06 10.04
CA PHE B 55 6.65 -7.07 11.01
C PHE B 55 8.10 -7.48 10.82
N ILE B 56 8.50 -7.70 9.56
CA ILE B 56 9.89 -8.09 9.30
C ILE B 56 10.83 -6.92 9.56
N ALA B 57 10.35 -5.70 9.34
CA ALA B 57 11.15 -4.52 9.65
C ALA B 57 11.46 -4.43 11.13
N ILE B 58 10.47 -4.72 11.98
CA ILE B 58 10.71 -4.72 13.42
C ILE B 58 11.70 -5.80 13.81
N PHE B 59 11.56 -6.98 13.22
CA PHE B 59 12.43 -8.10 13.57
C PHE B 59 13.89 -7.78 13.25
N GLY B 60 14.14 -7.14 12.12
CA GLY B 60 15.50 -6.80 11.76
C GLY B 60 16.10 -5.75 12.67
N ILE B 61 15.30 -4.74 13.04
CA ILE B 61 15.81 -3.64 13.87
C ILE B 61 16.23 -4.17 15.24
N LEU B 62 15.40 -5.03 15.83
CA LEU B 62 15.73 -5.60 17.14
C LEU B 62 17.00 -6.43 17.07
N ILE B 63 17.19 -7.16 15.96
CA ILE B 63 18.40 -7.98 15.82
C ILE B 63 19.64 -7.11 15.84
N ALA B 64 19.58 -5.96 15.17
CA ALA B 64 20.73 -5.05 15.17
C ALA B 64 20.99 -4.51 16.58
N GLN B 65 19.97 -4.40 17.41
CA GLN B 65 20.15 -3.87 18.76
C GLN B 65 20.99 -4.81 19.61
N ILE B 66 20.62 -6.08 19.66
CA ILE B 66 21.30 -7.01 20.55
C ILE B 66 22.71 -7.32 20.05
N LEU B 67 22.87 -7.51 18.74
CA LEU B 67 24.19 -7.84 18.21
C LEU B 67 25.18 -6.71 18.44
N SER B 68 24.76 -5.47 18.21
CA SER B 68 25.65 -4.33 18.43
C SER B 68 26.02 -4.20 19.91
N ARG B 69 25.07 -4.48 20.80
CA ARG B 69 25.32 -4.37 22.23
C ARG B 69 26.16 -5.51 22.78
N GLN B 70 26.19 -6.66 22.10
CA GLN B 70 26.86 -7.83 22.65
C GLN B 70 28.31 -7.95 22.18
N VAL B 71 28.53 -8.06 20.88
CA VAL B 71 29.85 -8.32 20.34
C VAL B 71 30.55 -7.03 19.89
N PHE B 72 29.82 -6.12 19.26
CA PHE B 72 30.41 -4.87 18.83
C PHE B 72 30.53 -3.84 19.94
N HIS B 73 29.81 -4.03 21.04
CA HIS B 73 29.87 -3.15 22.20
C HIS B 73 29.59 -1.69 21.80
N SER B 74 28.66 -1.53 20.86
CA SER B 74 28.26 -0.21 20.35
C SER B 74 26.74 -0.12 20.35
N PRO B 75 26.13 0.05 21.53
CA PRO B 75 24.67 0.10 21.60
C PRO B 75 24.11 1.29 20.84
N LEU B 76 22.93 1.10 20.26
CA LEU B 76 22.24 2.17 19.56
C LEU B 76 21.31 2.91 20.50
N ILE B 77 20.85 4.07 20.05
CA ILE B 77 19.99 4.93 20.85
C ILE B 77 18.64 5.15 20.20
N TRP B 78 18.32 4.38 19.15
CA TRP B 78 17.07 4.55 18.45
C TRP B 78 16.34 3.25 18.14
N SER B 79 16.93 2.08 18.43
CA SER B 79 16.30 0.82 18.09
C SER B 79 14.97 0.65 18.83
N GLU B 80 14.97 0.92 20.14
CA GLU B 80 13.75 0.77 20.92
C GLU B 80 12.67 1.73 20.47
N GLU B 81 13.04 2.98 20.19
CA GLU B 81 12.06 3.96 19.75
C GLU B 81 11.45 3.57 18.41
N LEU B 82 12.29 3.12 17.47
CA LEU B 82 11.76 2.66 16.19
C LEU B 82 10.86 1.46 16.38
N ALA B 83 11.25 0.53 17.26
CA ALA B 83 10.44 -0.65 17.48
C ALA B 83 9.05 -0.28 17.99
N LYS B 84 8.99 0.62 18.97
CA LYS B 84 7.71 1.04 19.51
C LYS B 84 6.89 1.77 18.45
N LEU B 85 7.53 2.67 17.69
CA LEU B 85 6.80 3.44 16.69
C LEU B 85 6.20 2.55 15.62
N LEU B 86 6.93 1.51 15.20
CA LEU B 86 6.38 0.59 14.21
C LEU B 86 5.36 -0.36 14.82
N PHE B 87 5.54 -0.73 16.10
CA PHE B 87 4.60 -1.63 16.75
C PHE B 87 3.24 -0.99 16.90
N VAL B 88 3.20 0.33 17.08
CA VAL B 88 1.92 1.02 17.14
C VAL B 88 1.12 0.77 15.86
N TYR B 89 1.76 0.99 14.71
CA TYR B 89 1.08 0.77 13.43
C TYR B 89 0.73 -0.70 13.23
N VAL B 90 1.61 -1.60 13.67
CA VAL B 90 1.33 -3.03 13.52
C VAL B 90 0.10 -3.42 14.31
N GLY B 91 -0.02 -2.93 15.54
CA GLY B 91 -1.19 -3.20 16.34
C GLY B 91 -2.46 -2.62 15.74
N MET B 92 -2.37 -1.40 15.20
CA MET B 92 -3.54 -0.83 14.55
C MET B 92 -3.98 -1.67 13.36
N LEU B 93 -3.03 -2.13 12.55
CA LEU B 93 -3.37 -2.97 11.41
C LEU B 93 -4.01 -4.27 11.85
N GLY B 94 -3.47 -4.88 12.92
CA GLY B 94 -4.08 -6.10 13.44
C GLY B 94 -5.50 -5.89 13.91
N ILE B 95 -5.75 -4.76 14.58
CA ILE B 95 -7.11 -4.45 15.02
C ILE B 95 -8.04 -4.31 13.82
N SER B 96 -7.57 -3.63 12.77
CA SER B 96 -8.38 -3.49 11.57
C SER B 96 -8.69 -4.84 10.93
N VAL B 97 -7.69 -5.73 10.88
CA VAL B 97 -7.90 -7.06 10.31
C VAL B 97 -8.95 -7.82 11.11
N ALA B 98 -8.83 -7.78 12.45
CA ALA B 98 -9.78 -8.48 13.29
C ALA B 98 -11.20 -7.92 13.12
N VAL B 99 -11.30 -6.59 12.96
CA VAL B 99 -12.61 -5.99 12.71
C VAL B 99 -13.18 -6.48 11.39
N ARG B 100 -12.34 -6.57 10.36
CA ARG B 100 -12.81 -7.04 9.06
C ARG B 100 -13.30 -8.48 9.13
N LYS B 101 -12.57 -9.34 9.82
CA LYS B 101 -12.93 -10.76 9.88
C LYS B 101 -14.01 -11.07 10.90
N GLN B 102 -14.40 -10.09 11.73
CA GLN B 102 -15.40 -10.28 12.78
C GLN B 102 -15.01 -11.42 13.72
N GLU B 103 -13.84 -11.27 14.34
CA GLU B 103 -13.30 -12.29 15.22
C GLU B 103 -12.95 -11.75 16.60
N HIS B 104 -13.57 -10.64 17.01
CA HIS B 104 -13.29 -10.10 18.34
C HIS B 104 -13.95 -10.93 19.41
N VAL B 105 -13.26 -11.08 20.55
CA VAL B 105 -13.74 -11.95 21.62
C VAL B 105 -14.97 -11.35 22.27
N PHE B 106 -15.90 -12.21 22.64
CA PHE B 106 -17.12 -11.79 23.32
C PHE B 106 -17.67 -12.97 24.11
N ILE B 107 -18.52 -12.65 25.08
CA ILE B 107 -19.17 -13.67 25.90
C ILE B 107 -20.38 -14.21 25.15
N ASP B 108 -20.42 -15.53 24.96
CA ASP B 108 -21.47 -16.18 24.19
C ASP B 108 -22.25 -17.19 25.02
N PHE B 109 -22.34 -16.97 26.33
CA PHE B 109 -23.10 -17.87 27.18
C PHE B 109 -24.59 -17.68 26.99
N LEU B 110 -25.09 -16.46 27.28
CA LEU B 110 -26.51 -16.19 27.11
C LEU B 110 -26.90 -16.12 25.66
N THR B 111 -25.97 -15.83 24.75
CA THR B 111 -26.27 -15.80 23.33
C THR B 111 -26.58 -17.17 22.75
N ASN B 112 -26.15 -18.24 23.41
CA ASN B 112 -26.37 -19.59 22.93
C ASN B 112 -27.70 -20.19 23.36
N LEU B 113 -28.52 -19.44 24.10
CA LEU B 113 -29.80 -19.94 24.60
C LEU B 113 -30.97 -19.12 24.11
N MET B 114 -30.87 -18.50 22.94
CA MET B 114 -31.97 -17.67 22.51
C MET B 114 -32.37 -17.98 21.07
N PRO B 115 -33.63 -17.78 20.71
CA PRO B 115 -34.05 -18.03 19.33
C PRO B 115 -33.44 -17.03 18.36
N GLU B 116 -33.49 -17.39 17.07
CA GLU B 116 -32.89 -16.53 16.05
C GLU B 116 -33.59 -15.18 15.97
N LYS B 117 -34.88 -15.12 16.31
CA LYS B 117 -35.59 -13.85 16.28
C LYS B 117 -34.98 -12.85 17.25
N ILE B 118 -34.63 -13.30 18.45
CA ILE B 118 -33.94 -12.43 19.40
C ILE B 118 -32.51 -12.14 18.90
N ARG B 119 -31.89 -13.11 18.24
CA ARG B 119 -30.55 -12.92 17.72
C ARG B 119 -30.50 -11.79 16.70
N LYS B 120 -31.57 -11.62 15.92
CA LYS B 120 -31.62 -10.53 14.96
C LYS B 120 -31.50 -9.18 15.66
N PHE B 121 -32.33 -8.95 16.68
CA PHE B 121 -32.29 -7.68 17.40
C PHE B 121 -30.95 -7.50 18.11
N THR B 122 -30.43 -8.56 18.73
CA THR B 122 -29.15 -8.45 19.42
C THR B 122 -28.04 -8.06 18.46
N ASN B 123 -28.00 -8.70 17.29
CA ASN B 123 -26.95 -8.40 16.31
C ASN B 123 -27.10 -6.98 15.78
N THR B 124 -28.33 -6.52 15.55
CA THR B 124 -28.52 -5.15 15.09
C THR B 124 -28.01 -4.15 16.12
N PHE B 125 -28.32 -4.39 17.40
CA PHE B 125 -27.84 -3.52 18.45
C PHE B 125 -26.32 -3.52 18.52
N VAL B 126 -25.71 -4.70 18.39
CA VAL B 126 -24.25 -4.80 18.42
C VAL B 126 -23.64 -4.01 17.27
N GLN B 127 -24.22 -4.14 16.08
CA GLN B 127 -23.69 -3.41 14.93
C GLN B 127 -23.78 -1.91 15.13
N LEU B 128 -24.91 -1.43 15.66
CA LEU B 128 -25.04 0.00 15.91
C LEU B 128 -24.01 0.48 16.93
N LEU B 129 -23.83 -0.27 18.01
CA LEU B 129 -22.86 0.13 19.03
C LEU B 129 -21.44 0.16 18.47
N VAL B 130 -21.09 -0.83 17.65
CA VAL B 130 -19.74 -0.83 17.08
C VAL B 130 -19.55 0.33 16.11
N PHE B 131 -20.59 0.67 15.35
CA PHE B 131 -20.50 1.83 14.46
C PHE B 131 -20.25 3.11 15.25
N ILE B 132 -20.99 3.30 16.34
CA ILE B 132 -20.78 4.48 17.18
C ILE B 132 -19.36 4.49 17.75
N CYS B 133 -18.89 3.32 18.20
CA CYS B 133 -17.55 3.23 18.77
C CYS B 133 -16.49 3.63 17.74
N ILE B 134 -16.63 3.16 16.50
CA ILE B 134 -15.63 3.48 15.49
C ILE B 134 -15.67 4.96 15.14
N PHE B 135 -16.86 5.56 15.08
CA PHE B 135 -16.95 6.99 14.80
C PHE B 135 -16.27 7.81 15.88
N LEU B 136 -16.56 7.50 17.15
CA LEU B 136 -15.90 8.22 18.24
C LEU B 136 -14.40 7.96 18.26
N PHE B 137 -13.99 6.76 17.85
CA PHE B 137 -12.58 6.46 17.71
C PHE B 137 -11.91 7.40 16.71
N ILE B 138 -12.55 7.61 15.56
CA ILE B 138 -12.01 8.50 14.55
C ILE B 138 -11.91 9.92 15.09
N HIS B 139 -12.97 10.40 15.75
CA HIS B 139 -12.96 11.76 16.25
C HIS B 139 -11.87 11.97 17.28
N PHE B 140 -11.73 11.03 18.21
CA PHE B 140 -10.71 11.16 19.25
C PHE B 140 -9.31 11.08 18.66
N GLY B 141 -9.11 10.23 17.64
CA GLY B 141 -7.83 10.20 16.98
C GLY B 141 -7.47 11.52 16.32
N ILE B 142 -8.43 12.12 15.62
CA ILE B 142 -8.17 13.42 14.98
C ILE B 142 -7.83 14.47 16.02
N ARG B 143 -8.62 14.55 17.09
CA ARG B 143 -8.36 15.56 18.12
C ARG B 143 -7.00 15.35 18.77
N THR B 144 -6.66 14.11 19.11
CA THR B 144 -5.39 13.84 19.78
C THR B 144 -4.21 14.15 18.87
N PHE B 145 -4.32 13.81 17.58
CA PHE B 145 -3.26 14.15 16.64
C PHE B 145 -3.10 15.66 16.51
N ASN B 146 -4.21 16.39 16.44
CA ASN B 146 -4.13 17.85 16.36
C ASN B 146 -3.68 18.47 17.67
N GLY B 147 -3.67 17.73 18.77
CA GLY B 147 -3.24 18.28 20.04
C GLY B 147 -1.77 18.09 20.36
N ALA B 148 -1.23 16.91 20.06
CA ALA B 148 0.13 16.58 20.46
C ALA B 148 1.15 17.39 19.67
N SER B 149 2.15 17.92 20.37
CA SER B 149 3.18 18.72 19.72
C SER B 149 4.57 18.41 20.27
N PHE B 150 4.65 17.57 21.30
CA PHE B 150 5.92 17.33 21.95
C PHE B 150 6.88 16.59 21.03
N PRO B 151 8.19 16.84 21.12
CA PRO B 151 9.15 16.13 20.29
C PRO B 151 9.68 14.88 20.99
N ILE B 152 10.47 14.11 20.24
CA ILE B 152 11.13 12.93 20.78
C ILE B 152 12.63 13.16 20.81
N ASP B 153 13.19 13.29 22.01
CA ASP B 153 14.61 13.61 22.13
C ASP B 153 15.49 12.44 21.73
N ALA B 154 14.96 11.22 21.79
CA ALA B 154 15.74 10.03 21.45
C ALA B 154 15.77 9.75 19.95
N LEU B 155 15.09 10.57 19.14
CA LEU B 155 15.03 10.34 17.71
C LEU B 155 15.24 11.65 16.96
N GLY B 156 16.20 12.45 17.41
CA GLY B 156 16.55 13.69 16.74
C GLY B 156 15.45 14.73 16.73
N GLY B 157 14.66 14.82 17.80
CA GLY B 157 13.64 15.85 17.88
C GLY B 157 12.44 15.63 16.99
N ILE B 158 12.18 14.39 16.57
CA ILE B 158 11.00 14.13 15.75
C ILE B 158 9.75 14.29 16.60
N SER B 159 8.76 15.00 16.06
CA SER B 159 7.56 15.31 16.81
C SER B 159 6.74 14.06 17.12
N GLU B 160 5.96 14.14 18.19
CA GLU B 160 5.09 13.05 18.59
C GLU B 160 3.91 12.86 17.65
N LYS B 161 3.70 13.79 16.72
CA LYS B 161 2.65 13.63 15.72
C LYS B 161 2.85 12.35 14.91
N TRP B 162 4.10 11.95 14.71
CA TRP B 162 4.37 10.72 13.99
C TRP B 162 3.77 9.51 14.71
N ILE B 163 3.91 9.46 16.03
CA ILE B 163 3.30 8.39 16.80
C ILE B 163 1.78 8.53 16.83
N PHE B 164 1.28 9.74 17.01
CA PHE B 164 -0.14 9.94 17.27
C PHE B 164 -1.00 9.93 16.00
N ALA B 165 -0.40 10.02 14.82
CA ALA B 165 -1.18 10.06 13.59
C ALA B 165 -1.69 8.70 13.16
N ALA B 166 -1.22 7.63 13.79
CA ALA B 166 -1.62 6.29 13.38
C ALA B 166 -3.05 5.95 13.79
N LEU B 167 -3.68 6.78 14.63
CA LEU B 167 -5.02 6.43 15.11
C LEU B 167 -6.09 6.70 14.06
N PRO B 168 -6.24 7.92 13.52
CA PRO B 168 -7.32 8.14 12.55
C PRO B 168 -7.06 7.49 11.19
N VAL B 169 -5.79 7.35 10.80
CA VAL B 169 -5.47 6.76 9.50
C VAL B 169 -5.97 5.33 9.43
N VAL B 170 -5.73 4.55 10.49
CA VAL B 170 -6.23 3.18 10.52
C VAL B 170 -7.69 3.15 10.94
N ALA B 171 -8.17 4.17 11.64
CA ALA B 171 -9.58 4.21 12.02
C ALA B 171 -10.48 4.32 10.78
N ILE B 172 -10.05 5.09 9.79
CA ILE B 172 -10.82 5.21 8.55
C ILE B 172 -10.91 3.86 7.85
N LEU B 173 -9.79 3.13 7.79
CA LEU B 173 -9.79 1.81 7.20
C LEU B 173 -10.69 0.86 7.98
N MET B 174 -10.70 0.97 9.32
CA MET B 174 -11.58 0.16 10.13
C MET B 174 -13.04 0.44 9.80
N MET B 175 -13.38 1.72 9.63
CA MET B 175 -14.75 2.09 9.26
C MET B 175 -15.12 1.50 7.91
N PHE B 176 -14.20 1.56 6.94
CA PHE B 176 -14.47 0.98 5.63
C PHE B 176 -14.69 -0.54 5.73
N ARG B 177 -13.87 -1.21 6.54
CA ARG B 177 -14.02 -2.65 6.71
C ARG B 177 -15.35 -3.00 7.36
N PHE B 178 -15.78 -2.20 8.34
CA PHE B 178 -17.09 -2.43 8.95
C PHE B 178 -18.21 -2.26 7.94
N ILE B 179 -18.11 -1.22 7.09
CA ILE B 179 -19.11 -1.01 6.04
C ILE B 179 -19.14 -2.21 5.10
N GLN B 180 -17.97 -2.71 4.72
CA GLN B 180 -17.91 -3.86 3.84
C GLN B 180 -18.55 -5.09 4.47
N ALA B 181 -18.28 -5.33 5.75
CA ALA B 181 -18.83 -6.51 6.42
C ALA B 181 -20.34 -6.38 6.61
N GLN B 182 -20.85 -5.16 6.73
CA GLN B 182 -22.29 -4.98 6.90
C GLN B 182 -23.08 -5.50 5.70
N THR B 183 -22.51 -5.42 4.50
CA THR B 183 -23.20 -5.93 3.32
C THR B 183 -23.46 -7.42 3.44
N LEU B 184 -22.44 -8.19 3.80
CA LEU B 184 -22.61 -9.62 3.99
C LEU B 184 -23.53 -9.92 5.17
N ASN B 185 -23.41 -9.14 6.24
CA ASN B 185 -24.27 -9.36 7.40
C ASN B 185 -25.74 -9.20 7.03
N PHE B 186 -26.06 -8.18 6.23
CA PHE B 186 -27.44 -7.99 5.80
C PHE B 186 -27.86 -9.03 4.78
N LYS B 187 -26.95 -9.44 3.89
CA LYS B 187 -27.29 -10.42 2.87
C LYS B 187 -27.63 -11.77 3.49
N THR B 188 -26.87 -12.18 4.50
CA THR B 188 -27.13 -13.46 5.15
C THR B 188 -28.40 -13.45 5.99
N GLY B 189 -29.02 -12.29 6.18
CA GLY B 189 -30.23 -12.21 6.98
C GLY B 189 -30.01 -12.19 8.47
N LYS B 190 -28.82 -11.82 8.93
CA LYS B 190 -28.52 -11.77 10.36
C LYS B 190 -28.81 -10.42 10.98
N SER B 191 -29.19 -9.42 10.18
CA SER B 191 -29.41 -8.08 10.69
C SER B 191 -30.53 -7.40 9.90
N TYR B 192 -31.10 -6.36 10.50
CA TYR B 192 -32.16 -5.59 9.87
C TYR B 192 -31.65 -4.32 9.20
N LEU B 193 -30.35 -4.06 9.23
CA LEU B 193 -29.79 -2.79 8.77
C LEU B 193 -28.88 -3.00 7.55
N PRO B 194 -29.30 -2.57 6.36
CA PRO B 194 -28.42 -2.65 5.20
C PRO B 194 -27.23 -1.71 5.33
N ALA B 195 -26.31 -1.81 4.36
CA ALA B 195 -25.08 -1.03 4.41
C ALA B 195 -25.31 0.43 4.01
N THR B 196 -26.25 0.69 3.10
CA THR B 196 -26.49 2.05 2.66
C THR B 196 -26.98 2.94 3.81
N PHE B 197 -27.75 2.37 4.73
CA PHE B 197 -28.17 3.12 5.91
C PHE B 197 -26.97 3.54 6.73
N PHE B 198 -26.02 2.63 6.92
CA PHE B 198 -24.79 2.98 7.64
C PHE B 198 -24.01 4.04 6.88
N ILE B 199 -23.96 3.96 5.55
CA ILE B 199 -23.22 4.93 4.76
C ILE B 199 -23.81 6.32 4.93
N ILE B 200 -25.13 6.45 4.80
CA ILE B 200 -25.76 7.75 4.90
C ILE B 200 -25.67 8.29 6.33
N SER B 201 -25.79 7.41 7.33
CA SER B 201 -25.64 7.84 8.71
C SER B 201 -24.23 8.36 8.97
N ALA B 202 -23.21 7.67 8.45
CA ALA B 202 -21.84 8.13 8.61
C ALA B 202 -21.63 9.47 7.91
N VAL B 203 -22.21 9.64 6.72
CA VAL B 203 -22.05 10.88 5.98
C VAL B 203 -22.65 12.04 6.76
N ILE B 204 -23.88 11.88 7.24
CA ILE B 204 -24.54 12.97 7.97
C ILE B 204 -23.83 13.24 9.29
N LEU B 205 -23.33 12.19 9.95
CA LEU B 205 -22.61 12.39 11.21
C LEU B 205 -21.31 13.15 10.99
N PHE B 206 -20.56 12.81 9.93
CA PHE B 206 -19.35 13.54 9.63
C PHE B 206 -19.64 15.00 9.30
N ALA B 207 -20.69 15.24 8.50
CA ALA B 207 -21.05 16.60 8.15
C ALA B 207 -21.42 17.40 9.41
N ILE B 208 -22.22 16.81 10.29
CA ILE B 208 -22.61 17.51 11.50
C ILE B 208 -21.40 17.80 12.38
N LEU B 209 -20.51 16.82 12.52
CA LEU B 209 -19.33 17.01 13.36
C LEU B 209 -18.43 18.12 12.81
N PHE B 210 -18.23 18.14 11.49
CA PHE B 210 -17.31 19.12 10.91
C PHE B 210 -17.91 20.52 10.81
N PHE B 211 -19.24 20.63 10.69
CA PHE B 211 -19.85 21.93 10.41
C PHE B 211 -20.78 22.40 11.52
N ALA B 212 -21.06 21.58 12.53
CA ALA B 212 -21.90 22.02 13.63
C ALA B 212 -21.65 21.19 14.88
N PRO B 213 -20.45 21.24 15.46
CA PRO B 213 -20.18 20.40 16.64
C PRO B 213 -21.02 20.76 17.85
N ASP B 214 -21.56 21.98 17.89
CA ASP B 214 -22.32 22.41 19.07
C ASP B 214 -23.65 21.70 19.19
N TRP B 215 -24.10 21.01 18.14
CA TRP B 215 -25.38 20.30 18.21
C TRP B 215 -25.27 19.05 19.06
N PHE B 216 -24.04 18.59 19.31
CA PHE B 216 -23.85 17.39 20.13
C PHE B 216 -24.12 17.64 21.60
N LYS B 217 -24.31 18.89 22.01
CA LYS B 217 -24.51 19.21 23.42
C LYS B 217 -25.86 18.77 23.94
N VAL B 218 -26.64 18.01 23.17
CA VAL B 218 -27.94 17.53 23.64
C VAL B 218 -27.88 16.09 24.13
N LEU B 219 -26.77 15.38 23.92
CA LEU B 219 -26.65 13.99 24.33
C LEU B 219 -25.88 13.81 25.62
N ARG B 220 -25.59 14.91 26.32
CA ARG B 220 -24.93 14.86 27.62
C ARG B 220 -25.98 14.64 28.70
N ILE B 221 -25.78 13.61 29.51
CA ILE B 221 -26.73 13.29 30.57
C ILE B 221 -26.80 14.41 31.61
N SER B 222 -25.76 15.24 31.70
CA SER B 222 -25.79 16.38 32.62
C SER B 222 -26.88 17.38 32.24
N ASN B 223 -27.39 17.33 31.01
CA ASN B 223 -28.45 18.24 30.62
C ASN B 223 -29.73 18.01 31.42
N TYR B 224 -30.03 16.74 31.70
CA TYR B 224 -31.31 16.36 32.28
C TYR B 224 -31.25 16.15 33.78
N ILE B 225 -30.39 15.25 34.24
CA ILE B 225 -30.29 14.92 35.67
C ILE B 225 -28.83 14.69 36.02
N LYS B 226 -28.48 15.00 37.26
CA LYS B 226 -27.13 14.78 37.78
C LYS B 226 -27.19 13.59 38.73
N LEU B 227 -26.72 12.44 38.26
CA LEU B 227 -26.77 11.23 39.08
C LEU B 227 -25.91 11.39 40.33
N GLY B 228 -24.71 11.94 40.18
CA GLY B 228 -23.84 12.15 41.32
C GLY B 228 -22.78 11.08 41.48
N SER B 229 -22.56 10.65 42.71
CA SER B 229 -21.52 9.66 42.98
C SER B 229 -21.83 8.33 42.32
N SER B 230 -23.09 7.92 42.31
CA SER B 230 -23.49 6.62 41.77
C SER B 230 -23.36 6.51 40.25
N SER B 231 -22.80 7.53 39.59
CA SER B 231 -22.65 7.48 38.14
C SER B 231 -21.76 6.32 37.71
N VAL B 232 -20.67 6.09 38.46
CA VAL B 232 -19.77 4.99 38.12
C VAL B 232 -20.48 3.65 38.29
N TYR B 233 -21.31 3.52 39.33
CA TYR B 233 -22.05 2.28 39.52
C TYR B 233 -23.04 2.04 38.40
N VAL B 234 -23.73 3.10 37.97
CA VAL B 234 -24.66 2.97 36.85
C VAL B 234 -23.92 2.57 35.58
N ALA B 235 -22.75 3.17 35.36
CA ALA B 235 -21.95 2.80 34.19
C ALA B 235 -21.51 1.35 34.24
N LEU B 236 -21.12 0.87 35.43
CA LEU B 236 -20.76 -0.54 35.57
C LEU B 236 -21.94 -1.47 35.32
N LEU B 237 -23.13 -1.12 35.80
CA LEU B 237 -24.32 -1.92 35.50
C LEU B 237 -24.60 -1.98 34.01
N VAL B 238 -24.53 -0.82 33.33
CA VAL B 238 -24.68 -0.79 31.88
C VAL B 238 -23.63 -1.63 31.18
N TRP B 239 -22.39 -1.60 31.66
CA TRP B 239 -21.32 -2.42 31.12
C TRP B 239 -21.60 -3.91 31.25
N LEU B 240 -22.05 -4.35 32.43
CA LEU B 240 -22.40 -5.76 32.60
C LEU B 240 -23.52 -6.16 31.65
N ILE B 241 -24.55 -5.32 31.54
CA ILE B 241 -25.67 -5.67 30.67
C ILE B 241 -25.23 -5.74 29.21
N ILE B 242 -24.45 -4.75 28.76
CA ILE B 242 -24.06 -4.72 27.35
C ILE B 242 -23.10 -5.86 27.05
N MET B 243 -22.33 -6.31 28.04
CA MET B 243 -21.46 -7.46 27.82
C MET B 243 -22.27 -8.74 27.73
N PHE B 244 -23.24 -8.93 28.63
CA PHE B 244 -24.04 -10.16 28.60
C PHE B 244 -24.93 -10.21 27.37
N ILE B 245 -25.23 -9.06 26.76
CA ILE B 245 -25.99 -9.06 25.52
C ILE B 245 -25.19 -9.74 24.40
N GLY B 246 -23.88 -9.47 24.34
CA GLY B 246 -23.05 -10.11 23.35
C GLY B 246 -22.10 -9.18 22.63
N VAL B 247 -21.98 -7.95 23.11
CA VAL B 247 -21.06 -6.96 22.55
C VAL B 247 -19.62 -7.38 22.90
N PRO B 248 -18.66 -7.23 22.00
CA PRO B 248 -17.27 -7.56 22.33
C PRO B 248 -16.75 -6.71 23.48
N VAL B 249 -15.81 -7.29 24.23
CA VAL B 249 -15.31 -6.63 25.45
C VAL B 249 -14.60 -5.33 25.10
N GLY B 250 -13.77 -5.34 24.05
CA GLY B 250 -12.97 -4.17 23.73
C GLY B 250 -13.80 -2.98 23.32
N TRP B 251 -15.07 -3.19 22.97
CA TRP B 251 -15.97 -2.09 22.71
C TRP B 251 -16.88 -1.80 23.89
N SER B 252 -17.23 -2.83 24.66
CA SER B 252 -18.08 -2.62 25.82
C SER B 252 -17.39 -1.76 26.87
N LEU B 253 -16.10 -1.97 27.09
CA LEU B 253 -15.38 -1.13 28.05
C LEU B 253 -15.36 0.32 27.59
N PHE B 254 -15.12 0.54 26.30
CA PHE B 254 -15.11 1.89 25.75
C PHE B 254 -16.47 2.56 25.92
N ILE B 255 -17.55 1.84 25.62
CA ILE B 255 -18.89 2.39 25.80
C ILE B 255 -19.15 2.74 27.24
N ALA B 256 -18.77 1.85 28.18
CA ALA B 256 -19.02 2.10 29.59
C ALA B 256 -18.28 3.35 30.07
N THR B 257 -16.99 3.47 29.73
CA THR B 257 -16.24 4.62 30.22
C THR B 257 -16.72 5.91 29.56
N LEU B 258 -17.12 5.85 28.29
CA LEU B 258 -17.67 7.04 27.65
C LEU B 258 -18.98 7.46 28.30
N LEU B 259 -19.84 6.50 28.63
CA LEU B 259 -21.08 6.82 29.30
C LEU B 259 -20.82 7.47 30.66
N TYR B 260 -19.88 6.93 31.42
CA TYR B 260 -19.56 7.55 32.71
C TYR B 260 -19.05 8.97 32.51
N PHE B 261 -18.17 9.17 31.54
CA PHE B 261 -17.61 10.51 31.33
C PHE B 261 -18.70 11.49 30.93
N SER B 262 -19.63 11.07 30.08
CA SER B 262 -20.75 11.93 29.72
C SER B 262 -21.70 12.14 30.88
N MET B 263 -21.67 11.26 31.89
CA MET B 263 -22.57 11.41 33.03
C MET B 263 -22.22 12.64 33.88
N THR B 264 -20.93 12.97 34.00
CA THR B 264 -20.50 14.04 34.88
C THR B 264 -19.98 15.25 34.11
N ARG B 265 -18.95 15.08 33.28
CA ARG B 265 -18.36 16.20 32.56
C ARG B 265 -17.63 15.65 31.35
N TRP B 266 -17.89 16.23 30.17
CA TRP B 266 -17.30 15.73 28.94
C TRP B 266 -15.93 16.32 28.68
N ASN B 267 -15.49 17.30 29.48
CA ASN B 267 -14.24 17.99 29.18
C ASN B 267 -13.02 17.24 29.71
N VAL B 268 -13.23 16.12 30.40
CA VAL B 268 -12.11 15.38 30.97
C VAL B 268 -11.63 14.30 30.00
N VAL B 269 -12.53 13.84 29.13
CA VAL B 269 -12.21 12.79 28.18
C VAL B 269 -11.12 13.29 27.23
N ASN B 270 -11.05 14.60 27.02
CA ASN B 270 -10.01 15.15 26.17
C ASN B 270 -8.63 14.87 26.75
N ALA B 271 -8.49 15.02 28.07
CA ALA B 271 -7.23 14.69 28.73
C ALA B 271 -7.03 13.18 28.83
N ALA B 272 -8.14 12.44 28.94
CA ALA B 272 -8.03 10.99 29.12
C ALA B 272 -7.70 10.23 27.84
N THR B 273 -7.94 10.82 26.66
CA THR B 273 -7.80 10.08 25.42
C THR B 273 -6.36 9.80 25.01
N GLU B 274 -5.37 10.43 25.65
CA GLU B 274 -3.98 10.16 25.28
C GLU B 274 -3.57 8.74 25.61
N LYS B 275 -4.17 8.15 26.66
CA LYS B 275 -3.80 6.80 27.06
C LYS B 275 -4.13 5.77 25.99
N LEU B 276 -5.15 6.04 25.18
CA LEU B 276 -5.52 5.10 24.12
C LEU B 276 -4.35 4.82 23.18
N VAL B 277 -3.58 5.85 22.86
CA VAL B 277 -2.40 5.68 22.01
C VAL B 277 -1.18 5.31 22.83
N TYR B 278 -1.02 5.89 24.03
CA TYR B 278 0.14 5.59 24.84
C TYR B 278 0.18 4.12 25.29
N SER B 279 -0.95 3.42 25.26
CA SER B 279 -0.98 2.04 25.71
C SER B 279 -0.11 1.15 24.83
N LEU B 280 -0.23 1.28 23.51
CA LEU B 280 0.52 0.43 22.60
C LEU B 280 1.98 0.82 22.50
N ASP B 281 2.34 2.03 22.93
CA ASP B 281 3.72 2.51 22.89
C ASP B 281 4.52 1.93 24.05
N SER B 282 4.52 0.59 24.12
CA SER B 282 5.14 -0.13 25.22
C SER B 282 6.14 -1.14 24.66
N PHE B 283 7.34 -1.14 25.23
CA PHE B 283 8.38 -2.08 24.82
C PHE B 283 8.13 -3.49 25.37
N PRO B 284 7.73 -3.65 26.64
CA PRO B 284 7.43 -5.02 27.12
C PRO B 284 6.32 -5.70 26.33
N LEU B 285 5.37 -4.94 25.77
CA LEU B 285 4.29 -5.52 24.99
C LEU B 285 4.76 -6.16 23.69
N LEU B 286 5.98 -5.84 23.24
CA LEU B 286 6.49 -6.40 22.00
C LEU B 286 6.76 -7.90 22.07
N ALA B 287 6.77 -8.49 23.28
CA ALA B 287 7.09 -9.89 23.42
C ALA B 287 5.99 -10.81 22.90
N VAL B 288 4.74 -10.36 22.91
CA VAL B 288 3.61 -11.22 22.57
C VAL B 288 3.68 -11.70 21.12
N PRO B 289 3.78 -10.82 20.12
CA PRO B 289 3.80 -11.33 18.73
C PRO B 289 4.96 -12.25 18.44
N PHE B 290 6.14 -11.96 19.00
CA PHE B 290 7.31 -12.79 18.70
C PHE B 290 7.19 -14.16 19.37
N TYR B 291 6.68 -14.21 20.59
CA TYR B 291 6.46 -15.50 21.24
C TYR B 291 5.41 -16.32 20.48
N ILE B 292 4.35 -15.65 20.02
CA ILE B 292 3.33 -16.36 19.24
C ILE B 292 3.93 -16.91 17.95
N LEU B 293 4.76 -16.11 17.28
CA LEU B 293 5.41 -16.57 16.05
C LEU B 293 6.33 -17.74 16.33
N THR B 294 7.09 -17.69 17.43
CA THR B 294 7.96 -18.80 17.77
C THR B 294 7.17 -20.07 18.01
N GLY B 295 6.06 -19.96 18.74
CA GLY B 295 5.22 -21.12 18.96
C GLY B 295 4.66 -21.69 17.67
N ILE B 296 4.20 -20.80 16.77
CA ILE B 296 3.64 -21.26 15.50
C ILE B 296 4.70 -21.97 14.68
N LEU B 297 5.91 -21.40 14.62
CA LEU B 297 6.97 -22.03 13.84
C LEU B 297 7.37 -23.38 14.43
N MET B 298 7.49 -23.47 15.75
CA MET B 298 7.88 -24.73 16.38
C MET B 298 6.77 -25.76 16.40
N ASN B 299 5.52 -25.36 16.14
CA ASN B 299 4.43 -26.32 16.16
C ASN B 299 4.37 -27.13 14.86
N THR B 300 5.45 -27.14 14.10
CA THR B 300 5.53 -27.92 12.87
C THR B 300 5.38 -29.41 13.18
N GLY B 301 4.72 -30.15 12.29
CA GLY B 301 4.50 -31.56 12.55
C GLY B 301 5.78 -32.37 12.62
N GLY B 302 6.77 -32.03 11.79
CA GLY B 302 8.02 -32.77 11.80
C GLY B 302 8.75 -32.67 13.12
N ILE B 303 8.84 -31.46 13.68
CA ILE B 303 9.53 -31.27 14.95
C ILE B 303 8.78 -31.98 16.07
N THR B 304 7.45 -31.82 16.10
CA THR B 304 6.65 -32.42 17.16
C THR B 304 6.73 -33.94 17.14
N GLU B 305 6.79 -34.54 15.94
CA GLU B 305 6.96 -35.98 15.85
C GLU B 305 8.27 -36.42 16.47
N ARG B 306 9.36 -35.69 16.21
CA ARG B 306 10.64 -36.04 16.79
C ARG B 306 10.62 -35.90 18.31
N ILE B 307 9.99 -34.83 18.81
CA ILE B 307 9.90 -34.64 20.25
C ILE B 307 9.13 -35.78 20.89
N PHE B 308 8.02 -36.17 20.27
CA PHE B 308 7.23 -37.27 20.80
C PHE B 308 8.01 -38.58 20.75
N ASN B 309 8.79 -38.80 19.69
CA ASN B 309 9.60 -40.01 19.61
C ASN B 309 10.62 -40.06 20.72
N PHE B 310 11.30 -38.94 20.99
CA PHE B 310 12.27 -38.92 22.07
C PHE B 310 11.61 -39.17 23.42
N ALA B 311 10.46 -38.52 23.65
CA ALA B 311 9.76 -38.72 24.92
C ALA B 311 9.33 -40.18 25.10
N LYS B 312 8.84 -40.79 24.02
CA LYS B 312 8.43 -42.19 24.10
C LYS B 312 9.62 -43.10 24.37
N ALA B 313 10.76 -42.83 23.73
CA ALA B 313 11.93 -43.65 23.98
C ALA B 313 12.45 -43.46 25.40
N LEU B 314 12.24 -42.27 25.98
CA LEU B 314 12.77 -42.00 27.31
C LEU B 314 11.87 -42.56 28.41
N LEU B 315 10.63 -42.10 28.48
CA LEU B 315 9.74 -42.38 29.60
C LEU B 315 8.57 -43.28 29.21
N GLY B 316 8.83 -44.26 28.35
CA GLY B 316 7.77 -45.12 27.85
C GLY B 316 7.68 -46.50 28.47
N HIS B 317 8.59 -46.87 29.37
CA HIS B 317 8.61 -48.23 29.90
C HIS B 317 8.20 -48.33 31.36
N TYR B 318 8.12 -47.23 32.08
CA TYR B 318 7.68 -47.27 33.47
C TYR B 318 6.19 -47.57 33.54
N THR B 319 5.74 -47.95 34.73
CA THR B 319 4.31 -48.17 34.96
C THR B 319 3.54 -46.90 34.64
N GLY B 320 2.50 -47.03 33.84
CA GLY B 320 1.79 -45.87 33.34
C GLY B 320 2.69 -45.03 32.45
N GLY B 321 3.41 -45.70 31.55
CA GLY B 321 4.40 -45.00 30.74
C GLY B 321 3.81 -43.99 29.78
N MET B 322 2.64 -44.31 29.22
CA MET B 322 2.04 -43.43 28.21
C MET B 322 1.65 -42.09 28.81
N GLY B 323 1.05 -42.09 30.01
CA GLY B 323 0.74 -40.83 30.65
C GLY B 323 1.96 -40.01 30.97
N HIS B 324 3.03 -40.67 31.43
CA HIS B 324 4.28 -39.97 31.68
C HIS B 324 4.83 -39.36 30.40
N VAL B 325 4.73 -40.10 29.29
CA VAL B 325 5.21 -39.59 28.01
C VAL B 325 4.41 -38.36 27.61
N ASN B 326 3.08 -38.41 27.77
CA ASN B 326 2.25 -37.27 27.43
C ASN B 326 2.63 -36.05 28.27
N ILE B 327 2.79 -36.24 29.58
CA ILE B 327 3.11 -35.12 30.46
C ILE B 327 4.47 -34.54 30.12
N GLY B 328 5.47 -35.40 29.90
CA GLY B 328 6.80 -34.91 29.59
C GLY B 328 6.86 -34.18 28.27
N ALA B 329 6.18 -34.71 27.24
CA ALA B 329 6.16 -34.02 25.96
C ALA B 329 5.46 -32.68 26.07
N SER B 330 4.36 -32.62 26.84
CA SER B 330 3.69 -31.34 27.03
C SER B 330 4.59 -30.35 27.74
N LEU B 331 5.34 -30.79 28.75
CA LEU B 331 6.25 -29.89 29.45
C LEU B 331 7.34 -29.38 28.52
N LEU B 332 7.94 -30.29 27.73
CA LEU B 332 9.01 -29.88 26.83
C LEU B 332 8.51 -28.88 25.79
N PHE B 333 7.31 -29.10 25.27
CA PHE B 333 6.79 -28.17 24.27
C PHE B 333 6.33 -26.87 24.91
N SER B 334 5.90 -26.91 26.18
CA SER B 334 5.53 -25.68 26.88
C SER B 334 6.75 -24.85 27.21
N GLY B 335 7.92 -25.49 27.28
CA GLY B 335 9.15 -24.73 27.44
C GLY B 335 9.36 -23.72 26.34
N MET B 336 8.77 -23.96 25.16
CA MET B 336 8.85 -23.03 24.03
C MET B 336 7.57 -22.25 23.83
N SER B 337 6.44 -22.94 23.76
CA SER B 337 5.18 -22.29 23.45
C SER B 337 4.63 -21.54 24.67
N GLY B 338 3.62 -20.72 24.41
CA GLY B 338 2.98 -19.96 25.46
C GLY B 338 1.47 -19.97 25.36
N SER B 339 0.90 -21.06 24.84
CA SER B 339 -0.54 -21.19 24.72
C SER B 339 -0.93 -22.65 24.88
N ALA B 340 -2.04 -22.89 25.58
CA ALA B 340 -2.49 -24.25 25.84
C ALA B 340 -3.13 -24.87 24.61
N LEU B 341 -3.75 -24.04 23.75
CA LEU B 341 -4.47 -24.56 22.60
C LEU B 341 -3.53 -25.26 21.63
N ALA B 342 -2.32 -24.71 21.47
CA ALA B 342 -1.33 -25.36 20.61
C ALA B 342 -0.95 -26.73 21.17
N ASP B 343 -0.77 -26.82 22.49
CA ASP B 343 -0.46 -28.09 23.11
C ASP B 343 -1.58 -29.10 22.90
N ALA B 344 -2.83 -28.65 23.03
CA ALA B 344 -3.97 -29.55 22.87
C ALA B 344 -4.10 -30.02 21.42
N GLY B 345 -3.91 -29.11 20.47
CA GLY B 345 -4.20 -29.43 19.07
C GLY B 345 -3.04 -29.97 18.27
N GLY B 346 -1.82 -29.89 18.78
CA GLY B 346 -0.68 -30.32 18.01
C GLY B 346 -0.28 -31.77 18.21
N LEU B 347 -0.08 -32.16 19.47
CA LEU B 347 0.42 -33.48 19.80
C LEU B 347 -0.67 -34.42 20.31
N GLY B 348 -1.94 -33.99 20.28
CA GLY B 348 -2.98 -34.78 20.89
C GLY B 348 -3.21 -36.12 20.21
N GLN B 349 -3.22 -36.12 18.88
CA GLN B 349 -3.57 -37.35 18.15
C GLN B 349 -2.53 -38.44 18.38
N LEU B 350 -1.25 -38.08 18.36
CA LEU B 350 -0.21 -39.11 18.54
C LEU B 350 -0.25 -39.68 19.95
N GLU B 351 -0.42 -38.83 20.96
CA GLU B 351 -0.53 -39.32 22.33
C GLU B 351 -1.74 -40.21 22.51
N ILE B 352 -2.87 -39.82 21.92
CA ILE B 352 -4.09 -40.63 22.03
C ILE B 352 -3.88 -41.98 21.37
N LYS B 353 -3.27 -42.00 20.18
CA LYS B 353 -3.01 -43.27 19.50
C LYS B 353 -2.07 -44.15 20.32
N ALA B 354 -1.01 -43.56 20.88
CA ALA B 354 -0.07 -44.35 21.68
C ALA B 354 -0.75 -44.93 22.91
N MET B 355 -1.58 -44.13 23.58
CA MET B 355 -2.28 -44.63 24.76
C MET B 355 -3.25 -45.74 24.40
N ARG B 356 -3.98 -45.57 23.29
CA ARG B 356 -4.92 -46.60 22.87
C ARG B 356 -4.20 -47.89 22.51
N ASP B 357 -3.05 -47.79 21.88
CA ASP B 357 -2.29 -48.99 21.54
C ASP B 357 -1.82 -49.73 22.79
N ALA B 358 -1.41 -48.98 23.82
CA ALA B 358 -0.91 -49.61 25.04
C ALA B 358 -1.98 -50.39 25.78
N GLY B 359 -3.25 -50.06 25.57
CA GLY B 359 -4.33 -50.76 26.24
C GLY B 359 -5.05 -49.90 27.26
N TYR B 360 -4.99 -48.59 27.07
CA TYR B 360 -5.65 -47.65 27.96
C TYR B 360 -7.15 -47.56 27.65
N ASP B 361 -7.87 -46.88 28.52
CA ASP B 361 -9.28 -46.61 28.30
C ASP B 361 -9.46 -45.20 27.73
N ASP B 362 -10.60 -45.00 27.07
CA ASP B 362 -10.86 -43.73 26.41
C ASP B 362 -10.93 -42.59 27.42
N ASP B 363 -11.62 -42.80 28.54
CA ASP B 363 -11.78 -41.72 29.51
C ASP B 363 -10.44 -41.31 30.10
N ILE B 364 -9.60 -42.28 30.43
CA ILE B 364 -8.30 -41.96 31.05
C ILE B 364 -7.42 -41.19 30.07
N CYS B 365 -7.33 -41.66 28.82
CA CYS B 365 -6.47 -41.00 27.85
C CYS B 365 -6.98 -39.59 27.55
N GLY B 366 -8.29 -39.44 27.39
CA GLY B 366 -8.84 -38.11 27.18
C GLY B 366 -8.59 -37.18 28.34
N GLY B 367 -8.77 -37.68 29.57
CA GLY B 367 -8.54 -36.85 30.73
C GLY B 367 -7.08 -36.41 30.85
N ILE B 368 -6.16 -37.34 30.61
CA ILE B 368 -4.74 -37.00 30.68
C ILE B 368 -4.39 -35.97 29.61
N THR B 369 -4.87 -36.18 28.39
CA THR B 369 -4.56 -35.26 27.30
C THR B 369 -5.11 -33.87 27.59
N ALA B 370 -6.31 -33.79 28.17
CA ALA B 370 -6.89 -32.49 28.46
C ALA B 370 -6.17 -31.82 29.63
N ALA B 371 -5.82 -32.59 30.66
CA ALA B 371 -5.25 -32.00 31.87
C ALA B 371 -3.81 -31.60 31.66
N SER B 372 -3.10 -32.26 30.75
CA SER B 372 -1.68 -31.97 30.57
C SER B 372 -1.43 -30.70 29.77
N CYS B 373 -2.48 -30.08 29.21
CA CYS B 373 -2.30 -28.90 28.39
C CYS B 373 -2.20 -27.61 29.20
N ILE B 374 -2.48 -27.65 30.50
CA ILE B 374 -2.41 -26.45 31.32
C ILE B 374 -1.00 -26.09 31.76
N ILE B 375 -0.02 -26.97 31.51
CA ILE B 375 1.35 -26.66 31.87
C ILE B 375 1.88 -25.51 31.00
N GLY B 376 1.29 -25.31 29.83
CA GLY B 376 1.73 -24.28 28.91
C GLY B 376 1.79 -22.89 29.50
N PRO B 377 0.63 -22.33 29.86
CA PRO B 377 0.61 -20.98 30.41
C PRO B 377 1.35 -20.80 31.72
N LEU B 378 1.67 -21.90 32.43
CA LEU B 378 2.37 -21.77 33.69
C LEU B 378 3.88 -21.62 33.48
N VAL B 379 4.49 -22.56 32.76
CA VAL B 379 5.94 -22.51 32.50
C VAL B 379 6.23 -21.36 31.54
N PRO B 380 7.22 -20.51 31.83
CA PRO B 380 7.48 -19.38 30.94
C PRO B 380 8.09 -19.87 29.63
N PRO B 381 7.87 -19.15 28.53
CA PRO B 381 7.09 -17.90 28.39
C PRO B 381 5.59 -18.13 28.41
N SER B 382 4.81 -17.08 28.69
CA SER B 382 3.37 -17.20 28.78
C SER B 382 2.72 -15.89 28.40
N ILE B 383 1.66 -15.95 27.60
CA ILE B 383 0.97 -14.75 27.17
C ILE B 383 0.20 -14.13 28.35
N ALA B 384 -0.42 -14.97 29.18
CA ALA B 384 -1.23 -14.47 30.28
C ALA B 384 -0.38 -13.67 31.28
N MET B 385 0.82 -14.17 31.59
CA MET B 385 1.69 -13.45 32.50
C MET B 385 2.12 -12.12 31.92
N ILE B 386 2.39 -12.08 30.62
CA ILE B 386 2.73 -10.82 29.97
C ILE B 386 1.58 -9.84 30.07
N ILE B 387 0.36 -10.32 29.83
CA ILE B 387 -0.81 -9.45 29.91
C ILE B 387 -0.98 -8.89 31.31
N TYR B 388 -0.83 -9.75 32.32
CA TYR B 388 -0.94 -9.28 33.70
C TYR B 388 0.14 -8.26 34.03
N GLY B 389 1.38 -8.51 33.60
CA GLY B 389 2.45 -7.56 33.87
C GLY B 389 2.21 -6.22 33.20
N VAL B 390 1.68 -6.24 31.98
CA VAL B 390 1.35 -4.99 31.29
C VAL B 390 0.25 -4.24 32.03
N ILE B 391 -0.79 -4.95 32.45
CA ILE B 391 -1.93 -4.28 33.09
C ILE B 391 -1.54 -3.72 34.46
N ALA B 392 -0.82 -4.52 35.25
CA ALA B 392 -0.51 -4.15 36.62
C ALA B 392 0.80 -3.39 36.77
N ASN B 393 1.54 -3.18 35.68
CA ASN B 393 2.83 -2.48 35.70
C ASN B 393 3.81 -3.17 36.65
N GLU B 394 4.16 -4.41 36.31
CA GLU B 394 5.09 -5.20 37.09
C GLU B 394 6.13 -5.81 36.16
N SER B 395 7.29 -6.15 36.72
CA SER B 395 8.36 -6.75 35.95
C SER B 395 7.94 -8.12 35.42
N ILE B 396 8.28 -8.40 34.18
CA ILE B 396 7.89 -9.66 33.55
C ILE B 396 8.87 -10.78 33.88
N ALA B 397 10.16 -10.48 34.00
CA ALA B 397 11.13 -11.51 34.37
C ALA B 397 10.83 -12.06 35.75
N LYS B 398 10.47 -11.19 36.69
CA LYS B 398 10.10 -11.65 38.02
C LYS B 398 8.87 -12.54 37.97
N LEU B 399 7.89 -12.18 37.14
CA LEU B 399 6.69 -13.01 36.99
C LEU B 399 7.04 -14.38 36.45
N PHE B 400 7.92 -14.44 35.43
CA PHE B 400 8.31 -15.72 34.86
C PHE B 400 9.01 -16.59 35.91
N ILE B 401 9.95 -15.99 36.64
CA ILE B 401 10.69 -16.74 37.65
C ILE B 401 9.76 -17.25 38.73
N ALA B 402 8.82 -16.42 39.18
CA ALA B 402 7.88 -16.84 40.20
C ALA B 402 6.98 -17.96 39.71
N GLY B 403 6.51 -17.86 38.47
CA GLY B 403 5.58 -18.85 37.94
C GLY B 403 6.20 -20.13 37.45
N PHE B 404 7.54 -20.18 37.38
CA PHE B 404 8.20 -21.42 36.95
C PHE B 404 7.88 -22.57 37.91
N ILE B 405 7.97 -22.34 39.21
CA ILE B 405 7.84 -23.43 40.18
C ILE B 405 6.47 -24.11 40.15
N PRO B 406 5.35 -23.38 40.14
CA PRO B 406 4.04 -24.08 40.14
C PRO B 406 3.85 -25.00 38.95
N GLY B 407 4.43 -24.69 37.80
CA GLY B 407 4.34 -25.62 36.68
C GLY B 407 4.99 -26.95 36.99
N VAL B 408 6.18 -26.91 37.59
CA VAL B 408 6.87 -28.14 37.96
C VAL B 408 6.06 -28.91 39.00
N LEU B 409 5.48 -28.19 39.98
CA LEU B 409 4.66 -28.86 40.97
C LEU B 409 3.45 -29.54 40.34
N ILE B 410 2.80 -28.87 39.39
CA ILE B 410 1.66 -29.46 38.69
C ILE B 410 2.10 -30.70 37.92
N THR B 411 3.24 -30.63 37.24
CA THR B 411 3.71 -31.78 36.48
C THR B 411 3.99 -32.97 37.39
N LEU B 412 4.65 -32.73 38.52
CA LEU B 412 4.94 -33.84 39.43
C LEU B 412 3.67 -34.43 40.01
N ALA B 413 2.70 -33.59 40.38
CA ALA B 413 1.44 -34.09 40.92
C ALA B 413 0.70 -34.92 39.88
N LEU B 414 0.67 -34.47 38.63
CA LEU B 414 0.01 -35.23 37.57
C LEU B 414 0.70 -36.56 37.34
N MET B 415 2.04 -36.58 37.37
CA MET B 415 2.77 -37.83 37.22
C MET B 415 2.41 -38.81 38.33
N ALA B 416 2.37 -38.32 39.58
CA ALA B 416 2.03 -39.19 40.70
C ALA B 416 0.61 -39.74 40.56
N MET B 417 -0.34 -38.88 40.18
CA MET B 417 -1.72 -39.33 40.04
C MET B 417 -1.85 -40.37 38.93
N ASN B 418 -1.19 -40.14 37.80
CA ASN B 418 -1.24 -41.10 36.71
C ASN B 418 -0.61 -42.42 37.12
N TYR B 419 0.51 -42.38 37.83
CA TYR B 419 1.14 -43.61 38.29
C TYR B 419 0.20 -44.39 39.21
N ARG B 420 -0.44 -43.69 40.14
CA ARG B 420 -1.36 -44.36 41.06
C ARG B 420 -2.53 -44.99 40.32
N ILE B 421 -3.11 -44.24 39.38
CA ILE B 421 -4.27 -44.76 38.65
C ILE B 421 -3.88 -45.98 37.83
N ALA B 422 -2.75 -45.91 37.13
CA ALA B 422 -2.31 -47.05 36.33
C ALA B 422 -2.02 -48.27 37.19
N LYS B 423 -1.35 -48.07 38.33
CA LYS B 423 -1.05 -49.19 39.21
C LYS B 423 -2.33 -49.82 39.76
N LYS B 424 -3.30 -48.98 40.14
CA LYS B 424 -4.56 -49.53 40.65
C LYS B 424 -5.32 -50.29 39.58
N ARG B 425 -5.35 -49.77 38.36
CA ARG B 425 -6.11 -50.41 37.29
C ARG B 425 -5.41 -51.60 36.67
N GLY B 426 -4.15 -51.85 37.04
CA GLY B 426 -3.43 -53.01 36.52
C GLY B 426 -3.15 -52.98 35.04
N TYR B 427 -2.71 -51.84 34.51
CA TYR B 427 -2.36 -51.74 33.11
C TYR B 427 -1.07 -52.51 32.84
N PRO B 428 -0.89 -53.00 31.61
CA PRO B 428 0.34 -53.72 31.27
C PRO B 428 1.53 -52.78 31.15
N ARG B 429 2.70 -53.39 30.98
CA ARG B 429 3.95 -52.66 30.88
C ARG B 429 4.59 -52.88 29.51
N THR B 430 5.32 -51.89 29.04
CA THR B 430 6.00 -51.93 27.75
C THR B 430 7.46 -52.27 27.93
N PRO B 431 8.09 -52.89 26.93
CA PRO B 431 9.52 -53.20 27.02
C PRO B 431 10.36 -51.93 27.01
N LYS B 432 11.54 -52.02 27.62
CA LYS B 432 12.44 -50.89 27.73
C LYS B 432 13.35 -50.81 26.52
N ALA B 433 13.39 -49.64 25.89
CA ALA B 433 14.22 -49.45 24.71
C ALA B 433 15.70 -49.51 25.07
N THR B 434 16.50 -49.91 24.08
CA THR B 434 17.93 -50.07 24.27
C THR B 434 18.65 -48.74 24.04
N ARG B 435 19.94 -48.71 24.38
CA ARG B 435 20.72 -47.47 24.33
C ARG B 435 20.74 -46.89 22.92
N GLU B 436 20.74 -47.75 21.89
CA GLU B 436 20.84 -47.27 20.52
C GLU B 436 19.64 -46.39 20.15
N GLN B 437 18.43 -46.83 20.51
CA GLN B 437 17.24 -46.06 20.20
C GLN B 437 17.25 -44.70 20.87
N LEU B 438 17.60 -44.66 22.16
CA LEU B 438 17.61 -43.40 22.88
C LEU B 438 18.67 -42.46 22.32
N CYS B 439 19.85 -42.99 21.99
CA CYS B 439 20.89 -42.15 21.39
C CYS B 439 20.46 -41.61 20.04
N SER B 440 19.81 -42.43 19.22
CA SER B 440 19.32 -41.95 17.93
C SER B 440 18.27 -40.86 18.12
N SER B 441 17.36 -41.05 19.09
CA SER B 441 16.35 -40.03 19.35
C SER B 441 16.98 -38.72 19.81
N PHE B 442 18.00 -38.82 20.67
CA PHE B 442 18.70 -37.62 21.11
C PHE B 442 19.37 -36.90 19.95
N LYS B 443 20.05 -37.66 19.09
CA LYS B 443 20.68 -37.03 17.93
C LYS B 443 19.66 -36.44 16.97
N GLN B 444 18.46 -37.02 16.92
CA GLN B 444 17.43 -36.50 16.02
C GLN B 444 16.83 -35.20 16.56
N SER B 445 16.58 -35.12 17.87
CA SER B 445 15.83 -34.00 18.44
C SER B 445 16.70 -33.09 19.29
N PHE B 446 18.03 -33.15 19.14
CA PHE B 446 18.91 -32.23 19.85
C PHE B 446 18.56 -30.78 19.58
N TRP B 447 18.49 -30.41 18.30
CA TRP B 447 18.22 -29.02 17.93
C TRP B 447 16.83 -28.58 18.36
N ALA B 448 15.88 -29.51 18.44
CA ALA B 448 14.54 -29.15 18.90
C ALA B 448 14.52 -28.91 20.40
N ILE B 449 15.21 -29.76 21.17
CA ILE B 449 15.16 -29.60 22.62
C ILE B 449 16.10 -28.51 23.09
N LEU B 450 16.96 -28.01 22.21
CA LEU B 450 17.86 -26.92 22.60
C LEU B 450 17.10 -25.66 22.96
N THR B 451 16.04 -25.34 22.21
CA THR B 451 15.35 -24.05 22.32
C THR B 451 14.77 -23.73 23.71
N PRO B 452 14.01 -24.62 24.36
CA PRO B 452 13.48 -24.26 25.69
C PRO B 452 14.59 -23.96 26.69
N LEU B 453 15.67 -24.73 26.65
CA LEU B 453 16.80 -24.47 27.53
C LEU B 453 17.41 -23.10 27.24
N LEU B 454 17.54 -22.74 25.97
CA LEU B 454 18.09 -21.44 25.61
C LEU B 454 17.22 -20.31 26.14
N ILE B 455 15.90 -20.43 25.96
CA ILE B 455 15.00 -19.38 26.42
C ILE B 455 15.04 -19.25 27.93
N ILE B 456 14.99 -20.37 28.64
CA ILE B 456 14.98 -20.34 30.10
C ILE B 456 16.30 -19.79 30.62
N GLY B 457 17.42 -20.18 30.02
CA GLY B 457 18.71 -19.66 30.45
C GLY B 457 18.84 -18.17 30.20
N GLY B 458 18.33 -17.71 29.06
CA GLY B 458 18.35 -16.28 28.79
C GLY B 458 17.52 -15.49 29.78
N ILE B 459 16.35 -15.99 30.11
CA ILE B 459 15.47 -15.28 31.04
C ILE B 459 16.05 -15.29 32.46
N PHE B 460 16.50 -16.47 32.91
CA PHE B 460 16.87 -16.62 34.32
C PHE B 460 18.19 -15.91 34.64
N SER B 461 19.19 -16.07 33.77
CA SER B 461 20.50 -15.50 34.04
C SER B 461 20.52 -13.98 34.00
N GLY B 462 19.46 -13.35 33.49
CA GLY B 462 19.43 -11.91 33.39
C GLY B 462 20.20 -11.34 32.22
N LEU B 463 20.75 -12.17 31.35
CA LEU B 463 21.49 -11.68 30.19
C LEU B 463 20.58 -10.93 29.22
N PHE B 464 19.34 -11.40 29.04
CA PHE B 464 18.42 -10.81 28.09
C PHE B 464 17.13 -10.42 28.79
N SER B 465 16.53 -9.34 28.29
CA SER B 465 15.17 -8.98 28.66
C SER B 465 14.19 -9.93 27.98
N PRO B 466 12.95 -10.02 28.49
CA PRO B 466 11.98 -10.92 27.85
C PRO B 466 11.76 -10.65 26.38
N THR B 467 11.75 -9.39 25.96
CA THR B 467 11.63 -9.06 24.54
C THR B 467 12.85 -9.56 23.77
N GLU B 468 14.04 -9.35 24.34
CA GLU B 468 15.26 -9.84 23.69
C GLU B 468 15.26 -11.36 23.64
N SER B 469 14.78 -12.00 24.70
CA SER B 469 14.68 -13.46 24.70
C SER B 469 13.73 -13.93 23.60
N ALA B 470 12.61 -13.25 23.42
CA ALA B 470 11.68 -13.61 22.36
C ALA B 470 12.32 -13.46 20.99
N ILE B 471 13.06 -12.36 20.79
CA ILE B 471 13.72 -12.14 19.51
C ILE B 471 14.73 -13.24 19.23
N VAL B 472 15.54 -13.59 20.24
CA VAL B 472 16.55 -14.64 20.08
C VAL B 472 15.87 -15.97 19.77
N ALA B 473 14.78 -16.27 20.47
CA ALA B 473 14.07 -17.53 20.22
C ALA B 473 13.53 -17.59 18.81
N ALA B 474 12.93 -16.49 18.34
CA ALA B 474 12.40 -16.47 16.98
C ALA B 474 13.51 -16.66 15.95
N ALA B 475 14.64 -15.98 16.15
CA ALA B 475 15.76 -16.12 15.22
C ALA B 475 16.29 -17.55 15.19
N TYR B 476 16.44 -18.16 16.37
CA TYR B 476 16.91 -19.54 16.42
C TYR B 476 15.91 -20.48 15.75
N SER B 477 14.62 -20.27 15.98
CA SER B 477 13.62 -21.14 15.36
C SER B 477 13.64 -21.04 13.85
N VAL B 478 13.72 -19.82 13.31
CA VAL B 478 13.71 -19.68 11.86
C VAL B 478 14.99 -20.24 11.25
N ILE B 479 16.14 -20.06 11.93
CA ILE B 479 17.37 -20.64 11.41
C ILE B 479 17.30 -22.17 11.40
N ILE B 480 16.80 -22.77 12.48
CA ILE B 480 16.67 -24.22 12.54
C ILE B 480 15.74 -24.71 11.44
N GLY B 481 14.60 -24.06 11.24
CA GLY B 481 13.67 -24.46 10.22
C GLY B 481 14.22 -24.35 8.81
N LYS B 482 14.94 -23.26 8.52
CA LYS B 482 15.42 -23.06 7.16
C LYS B 482 16.61 -23.96 6.83
N PHE B 483 17.56 -24.10 7.75
CA PHE B 483 18.82 -24.73 7.41
C PHE B 483 19.06 -26.07 8.05
N VAL B 484 18.56 -26.32 9.26
CA VAL B 484 18.91 -27.54 9.97
C VAL B 484 17.99 -28.69 9.57
N TYR B 485 16.68 -28.48 9.62
CA TYR B 485 15.71 -29.53 9.33
C TYR B 485 15.14 -29.45 7.91
N LYS B 486 15.21 -28.29 7.26
CA LYS B 486 14.83 -28.14 5.85
C LYS B 486 13.35 -28.45 5.63
N GLU B 487 12.48 -27.76 6.36
CA GLU B 487 11.05 -27.77 6.09
C GLU B 487 10.43 -26.39 6.19
N LEU B 488 11.15 -25.34 5.78
CA LEU B 488 10.66 -23.97 5.87
C LEU B 488 10.72 -23.31 4.50
N THR B 489 9.67 -22.57 4.17
CA THR B 489 9.58 -21.83 2.92
C THR B 489 9.21 -20.38 3.25
N LEU B 490 9.64 -19.46 2.38
CA LEU B 490 9.37 -18.04 2.60
C LEU B 490 7.87 -17.77 2.69
N LYS B 491 7.08 -18.42 1.84
CA LYS B 491 5.64 -18.24 1.88
C LYS B 491 5.07 -18.70 3.21
N SER B 492 5.58 -19.81 3.75
CA SER B 492 5.12 -20.28 5.05
C SER B 492 5.47 -19.26 6.14
N LEU B 493 6.66 -18.67 6.06
CA LEU B 493 7.04 -17.65 7.03
C LEU B 493 6.12 -16.44 6.95
N PHE B 494 5.79 -16.00 5.74
CA PHE B 494 4.88 -14.87 5.58
C PHE B 494 3.50 -15.19 6.14
N ASN B 495 3.01 -16.41 5.89
CA ASN B 495 1.72 -16.81 6.44
C ASN B 495 1.75 -16.84 7.97
N SER B 496 2.85 -17.33 8.55
CA SER B 496 2.97 -17.35 10.00
C SER B 496 2.98 -15.94 10.57
N CYS B 497 3.68 -15.02 9.90
CA CYS B 497 3.68 -13.63 10.34
C CYS B 497 2.28 -13.02 10.27
N ILE B 498 1.56 -13.31 9.19
CA ILE B 498 0.20 -12.79 9.05
C ILE B 498 -0.68 -13.32 10.17
N GLU B 499 -0.57 -14.62 10.47
CA GLU B 499 -1.38 -15.19 11.55
C GLU B 499 -1.03 -14.57 12.90
N ALA B 500 0.26 -14.35 13.16
CA ALA B 500 0.66 -13.73 14.41
C ALA B 500 0.10 -12.31 14.53
N MET B 501 0.16 -11.53 13.46
CA MET B 501 -0.39 -10.19 13.50
C MET B 501 -1.90 -10.23 13.74
N ALA B 502 -2.60 -11.14 13.07
CA ALA B 502 -4.04 -11.25 13.24
C ALA B 502 -4.40 -11.62 14.67
N ILE B 503 -3.62 -12.50 15.28
CA ILE B 503 -3.96 -12.94 16.64
C ILE B 503 -3.50 -11.93 17.68
N THR B 504 -2.57 -11.02 17.31
CA THR B 504 -2.12 -10.04 18.29
C THR B 504 -2.97 -8.77 18.24
N GLY B 505 -3.65 -8.51 17.12
CA GLY B 505 -4.51 -7.35 17.05
C GLY B 505 -5.65 -7.39 18.07
N VAL B 506 -6.24 -8.57 18.25
CA VAL B 506 -7.35 -8.72 19.19
C VAL B 506 -6.88 -8.40 20.60
N VAL B 507 -5.69 -8.86 20.99
CA VAL B 507 -5.16 -8.55 22.30
C VAL B 507 -4.84 -7.07 22.43
N ALA B 508 -4.32 -6.45 21.36
CA ALA B 508 -3.95 -5.04 21.44
C ALA B 508 -5.16 -4.16 21.67
N LEU B 509 -6.28 -4.46 21.00
CA LEU B 509 -7.49 -3.66 21.18
C LEU B 509 -7.95 -3.72 22.64
N MET B 510 -7.99 -4.92 23.20
CA MET B 510 -8.40 -5.07 24.60
C MET B 510 -7.42 -4.35 25.52
N ILE B 511 -6.14 -4.38 25.20
CA ILE B 511 -5.14 -3.72 26.05
C ILE B 511 -5.40 -2.23 26.09
N MET B 512 -5.58 -1.60 24.94
CA MET B 512 -5.79 -0.15 24.93
C MET B 512 -7.11 0.20 25.61
N THR B 513 -8.17 -0.59 25.38
CA THR B 513 -9.45 -0.25 26.00
C THR B 513 -9.41 -0.43 27.51
N VAL B 514 -8.75 -1.48 28.00
CA VAL B 514 -8.68 -1.68 29.44
C VAL B 514 -7.81 -0.62 30.09
N THR B 515 -6.77 -0.15 29.40
CA THR B 515 -6.01 0.97 29.94
C THR B 515 -6.85 2.23 30.03
N PHE B 516 -7.73 2.45 29.04
CA PHE B 516 -8.67 3.57 29.14
C PHE B 516 -9.62 3.40 30.33
N PHE B 517 -10.10 2.18 30.54
CA PHE B 517 -11.03 1.90 31.63
C PHE B 517 -10.39 2.15 33.00
N GLY B 518 -9.11 1.78 33.13
CA GLY B 518 -8.42 1.95 34.40
C GLY B 518 -8.37 3.39 34.86
N ASP B 519 -8.40 4.34 33.93
CA ASP B 519 -8.39 5.74 34.31
C ASP B 519 -9.61 6.09 35.15
N MET B 520 -10.81 5.75 34.66
CA MET B 520 -12.01 5.99 35.44
C MET B 520 -12.00 5.18 36.72
N ILE B 521 -11.56 3.92 36.65
CA ILE B 521 -11.56 3.07 37.85
C ILE B 521 -10.73 3.71 38.96
N ALA B 522 -9.55 4.23 38.61
CA ALA B 522 -8.70 4.88 39.61
C ALA B 522 -9.26 6.22 40.05
N ARG B 523 -9.84 6.97 39.11
CA ARG B 523 -10.33 8.31 39.45
C ARG B 523 -11.50 8.26 40.41
N GLU B 524 -12.41 7.30 40.23
CA GLU B 524 -13.62 7.27 41.03
C GLU B 524 -13.42 6.69 42.43
N GLN B 525 -12.24 6.15 42.73
CA GLN B 525 -11.94 5.55 44.03
C GLN B 525 -12.91 4.41 44.36
N VAL B 526 -13.01 3.46 43.43
CA VAL B 526 -13.88 2.31 43.63
C VAL B 526 -13.30 1.38 44.69
N ALA B 527 -11.99 1.15 44.65
CA ALA B 527 -11.35 0.18 45.55
C ALA B 527 -11.50 0.61 47.01
N MET B 528 -11.35 1.90 47.28
CA MET B 528 -11.50 2.39 48.64
C MET B 528 -12.92 2.16 49.15
N ARG B 529 -13.92 2.39 48.30
CA ARG B 529 -15.30 2.14 48.69
C ARG B 529 -15.53 0.66 48.95
N VAL B 530 -14.96 -0.21 48.10
CA VAL B 530 -15.12 -1.65 48.30
C VAL B 530 -14.49 -2.08 49.63
N ALA B 531 -13.32 -1.52 49.95
CA ALA B 531 -12.68 -1.86 51.23
C ALA B 531 -13.51 -1.34 52.41
N ASP B 532 -14.05 -0.14 52.29
CA ASP B 532 -14.90 0.38 53.35
C ASP B 532 -16.15 -0.48 53.53
N VAL B 533 -16.64 -1.07 52.44
CA VAL B 533 -17.78 -1.98 52.56
C VAL B 533 -17.37 -3.28 53.25
N PHE B 534 -16.35 -3.95 52.71
CA PHE B 534 -15.90 -5.22 53.29
C PHE B 534 -14.75 -5.02 54.27
N VAL B 535 -14.89 -4.04 55.15
CA VAL B 535 -13.98 -3.92 56.30
C VAL B 535 -14.07 -5.14 57.18
N ALA B 536 -15.25 -5.74 57.31
CA ALA B 536 -15.39 -6.95 58.12
C ALA B 536 -14.57 -8.11 57.57
N VAL B 537 -14.32 -8.10 56.26
CA VAL B 537 -13.57 -9.20 55.59
C VAL B 537 -12.07 -9.04 55.86
N ALA B 538 -11.63 -7.84 56.23
CA ALA B 538 -10.19 -7.57 56.43
C ALA B 538 -9.61 -8.27 57.67
N ASP B 539 -10.39 -9.15 58.33
CA ASP B 539 -9.89 -9.92 59.51
C ASP B 539 -8.53 -10.53 59.16
N SER B 540 -8.44 -11.32 58.09
CA SER B 540 -7.18 -11.90 57.67
C SER B 540 -7.08 -11.81 56.16
N PRO B 541 -5.89 -11.60 55.62
CA PRO B 541 -5.74 -11.63 54.16
C PRO B 541 -6.11 -12.97 53.55
N LEU B 542 -6.03 -14.05 54.34
CA LEU B 542 -6.42 -15.36 53.85
C LEU B 542 -7.89 -15.38 53.46
N THR B 543 -8.74 -14.68 54.22
CA THR B 543 -10.15 -14.59 53.88
C THR B 543 -10.36 -13.90 52.53
N VAL B 544 -9.63 -12.80 52.30
CA VAL B 544 -9.73 -12.11 51.02
C VAL B 544 -9.28 -13.02 49.89
N LEU B 545 -8.17 -13.73 50.11
CA LEU B 545 -7.64 -14.61 49.07
C LEU B 545 -8.61 -15.73 48.74
N ILE B 546 -9.19 -16.37 49.76
CA ILE B 546 -10.10 -17.48 49.49
C ILE B 546 -11.38 -16.98 48.84
N MET B 547 -11.87 -15.79 49.24
CA MET B 547 -13.06 -15.24 48.59
C MET B 547 -12.79 -14.94 47.13
N ILE B 548 -11.64 -14.35 46.82
CA ILE B 548 -11.30 -14.05 45.42
C ILE B 548 -11.17 -15.34 44.63
N ASN B 549 -10.53 -16.36 45.22
CA ASN B 549 -10.37 -17.62 44.52
C ASN B 549 -11.71 -18.28 44.25
N ALA B 550 -12.63 -18.25 45.22
CA ALA B 550 -13.94 -18.83 45.01
C ALA B 550 -14.71 -18.08 43.92
N LEU B 551 -14.62 -16.75 43.92
CA LEU B 551 -15.30 -15.98 42.88
C LEU B 551 -14.75 -16.32 41.51
N LEU B 552 -13.42 -16.41 41.39
CA LEU B 552 -12.82 -16.75 40.10
C LEU B 552 -13.21 -18.14 39.65
N LEU B 553 -13.22 -19.11 40.58
CA LEU B 553 -13.58 -20.48 40.22
C LEU B 553 -15.03 -20.54 39.76
N PHE B 554 -15.93 -19.82 40.42
CA PHE B 554 -17.32 -19.81 39.99
C PHE B 554 -17.48 -19.13 38.63
N LEU B 555 -16.74 -18.05 38.40
CA LEU B 555 -16.85 -17.35 37.12
C LEU B 555 -16.19 -18.08 35.98
N GLY B 556 -15.29 -19.03 36.28
CA GLY B 556 -14.58 -19.76 35.25
C GLY B 556 -15.34 -20.87 34.58
N MET B 557 -16.57 -21.16 35.03
CA MET B 557 -17.35 -22.23 34.44
C MET B 557 -18.21 -21.77 33.26
N PHE B 558 -18.20 -20.48 32.93
CA PHE B 558 -19.07 -19.98 31.88
C PHE B 558 -18.33 -19.13 30.87
N ILE B 559 -17.22 -18.51 31.29
CA ILE B 559 -16.50 -17.56 30.45
C ILE B 559 -15.15 -18.15 30.08
N ASP B 560 -14.68 -17.80 28.89
CA ASP B 560 -13.36 -18.24 28.44
C ASP B 560 -12.27 -17.55 29.25
N ALA B 561 -11.07 -18.12 29.21
CA ALA B 561 -9.98 -17.64 30.05
C ALA B 561 -9.60 -16.21 29.71
N LEU B 562 -9.49 -15.88 28.42
CA LEU B 562 -9.06 -14.55 28.03
C LEU B 562 -10.09 -13.49 28.37
N ALA B 563 -11.35 -13.74 28.01
CA ALA B 563 -12.40 -12.77 28.31
C ALA B 563 -12.57 -12.61 29.81
N LEU B 564 -12.53 -13.72 30.56
CA LEU B 564 -12.66 -13.63 32.01
C LEU B 564 -11.50 -12.84 32.60
N GLN B 565 -10.29 -13.06 32.12
CA GLN B 565 -9.14 -12.32 32.63
C GLN B 565 -9.29 -10.84 32.39
N PHE B 566 -9.68 -10.46 31.16
CA PHE B 566 -9.81 -9.04 30.86
C PHE B 566 -10.99 -8.39 31.59
N LEU B 567 -12.00 -9.18 31.93
CA LEU B 567 -13.10 -8.65 32.73
C LEU B 567 -12.72 -8.52 34.20
N VAL B 568 -11.88 -9.41 34.70
CA VAL B 568 -11.67 -9.54 36.14
C VAL B 568 -10.51 -8.70 36.64
N LEU B 569 -9.37 -8.72 35.93
CA LEU B 569 -8.17 -8.06 36.42
C LEU B 569 -8.36 -6.59 36.77
N PRO B 570 -8.99 -5.74 35.94
CA PRO B 570 -9.05 -4.32 36.27
C PRO B 570 -9.75 -4.02 37.59
N MET B 571 -10.69 -4.86 37.99
CA MET B 571 -11.43 -4.62 39.22
C MET B 571 -10.74 -5.19 40.44
N LEU B 572 -9.91 -6.22 40.29
CA LEU B 572 -9.27 -6.84 41.44
C LEU B 572 -7.88 -6.31 41.73
N ILE B 573 -7.15 -5.84 40.70
CA ILE B 573 -5.79 -5.34 40.94
C ILE B 573 -5.77 -4.18 41.93
N PRO B 574 -6.58 -3.12 41.76
CA PRO B 574 -6.61 -2.08 42.81
C PRO B 574 -7.07 -2.60 44.16
N ILE B 575 -8.02 -3.53 44.18
CA ILE B 575 -8.45 -4.11 45.45
C ILE B 575 -7.33 -4.90 46.09
N ALA B 576 -6.59 -5.66 45.28
CA ALA B 576 -5.45 -6.42 45.80
C ALA B 576 -4.39 -5.48 46.37
N MET B 577 -4.14 -4.37 45.68
CA MET B 577 -3.19 -3.39 46.19
C MET B 577 -3.69 -2.73 47.46
N GLN B 578 -5.02 -2.63 47.62
CA GLN B 578 -5.58 -2.02 48.81
C GLN B 578 -5.25 -2.82 50.07
N PHE B 579 -5.35 -4.15 49.98
CA PHE B 579 -5.16 -5.02 51.14
C PHE B 579 -3.72 -5.39 51.38
N ASN B 580 -2.77 -4.62 50.85
CA ASN B 580 -1.33 -4.86 51.04
C ASN B 580 -0.94 -6.28 50.61
N ILE B 581 -1.50 -6.72 49.48
CA ILE B 581 -1.22 -8.05 48.95
C ILE B 581 -0.15 -7.92 47.87
N ASP B 582 0.87 -8.78 47.94
CA ASP B 582 1.94 -8.76 46.96
C ASP B 582 1.41 -8.99 45.56
N LEU B 583 1.96 -8.25 44.60
CA LEU B 583 1.45 -8.29 43.24
C LEU B 583 1.98 -9.46 42.42
N ILE B 584 3.22 -9.90 42.65
CA ILE B 584 3.74 -11.04 41.92
C ILE B 584 3.00 -12.32 42.30
N PHE B 585 2.84 -12.54 43.60
CA PHE B 585 2.11 -13.71 44.07
C PHE B 585 0.65 -13.65 43.61
N PHE B 586 0.03 -12.47 43.67
CA PHE B 586 -1.33 -12.33 43.21
C PHE B 586 -1.45 -12.63 41.72
N GLY B 587 -0.49 -12.18 40.93
CA GLY B 587 -0.51 -12.46 39.51
C GLY B 587 -0.39 -13.94 39.22
N VAL B 588 0.53 -14.62 39.90
CA VAL B 588 0.69 -16.06 39.68
C VAL B 588 -0.58 -16.80 40.08
N MET B 589 -1.15 -16.45 41.23
CA MET B 589 -2.36 -17.12 41.69
C MET B 589 -3.52 -16.88 40.74
N THR B 590 -3.69 -15.65 40.26
CA THR B 590 -4.78 -15.35 39.35
C THR B 590 -4.61 -16.09 38.03
N THR B 591 -3.38 -16.13 37.51
CA THR B 591 -3.13 -16.86 36.27
C THR B 591 -3.46 -18.33 36.43
N LEU B 592 -3.04 -18.93 37.53
CA LEU B 592 -3.34 -20.35 37.75
C LEU B 592 -4.85 -20.58 37.88
N ASN B 593 -5.53 -19.71 38.63
CA ASN B 593 -6.98 -19.87 38.80
C ASN B 593 -7.72 -19.73 37.48
N MET B 594 -7.31 -18.77 36.65
CA MET B 594 -7.95 -18.61 35.34
C MET B 594 -7.67 -19.80 34.44
N MET B 595 -6.44 -20.32 34.45
CA MET B 595 -6.13 -21.50 33.64
C MET B 595 -6.84 -22.75 34.13
N VAL B 596 -7.23 -22.79 35.41
CA VAL B 596 -8.02 -23.91 35.91
C VAL B 596 -9.34 -24.03 35.17
N GLY B 597 -9.97 -22.92 34.81
CA GLY B 597 -11.32 -22.93 34.27
C GLY B 597 -11.45 -23.58 32.91
N ILE B 598 -10.33 -23.88 32.24
CA ILE B 598 -10.41 -24.51 30.93
C ILE B 598 -10.64 -26.01 31.05
N LEU B 599 -10.75 -26.54 32.25
CA LEU B 599 -11.03 -27.96 32.49
C LEU B 599 -12.25 -28.14 33.39
N THR B 600 -13.22 -27.22 33.28
CA THR B 600 -14.38 -27.25 34.15
C THR B 600 -15.66 -27.19 33.32
N PRO B 601 -16.62 -28.06 33.57
CA PRO B 601 -17.88 -28.01 32.83
C PRO B 601 -18.71 -26.82 33.30
N PRO B 602 -19.66 -26.35 32.47
CA PRO B 602 -20.00 -26.81 31.12
C PRO B 602 -19.24 -26.08 30.03
N MET B 603 -18.31 -25.19 30.37
CA MET B 603 -17.58 -24.41 29.38
C MET B 603 -16.08 -24.61 29.57
N GLY B 604 -15.42 -25.14 28.54
CA GLY B 604 -13.97 -25.26 28.54
C GLY B 604 -13.46 -25.63 27.17
N MET B 605 -12.48 -24.88 26.67
CA MET B 605 -11.99 -25.11 25.32
C MET B 605 -11.21 -26.41 25.22
N ALA B 606 -10.49 -26.76 26.29
CA ALA B 606 -9.67 -27.97 26.25
C ALA B 606 -10.53 -29.21 26.08
N LEU B 607 -11.66 -29.27 26.77
CA LEU B 607 -12.54 -30.43 26.65
C LEU B 607 -13.03 -30.59 25.21
N PHE B 608 -13.48 -29.50 24.60
CA PHE B 608 -13.99 -29.56 23.24
C PHE B 608 -12.89 -29.97 22.27
N VAL B 609 -11.70 -29.39 22.42
CA VAL B 609 -10.60 -29.71 21.50
C VAL B 609 -10.20 -31.17 21.64
N VAL B 610 -10.09 -31.66 22.87
CA VAL B 610 -9.72 -33.05 23.09
C VAL B 610 -10.78 -33.99 22.51
N ALA B 611 -12.05 -33.66 22.72
CA ALA B 611 -13.12 -34.49 22.17
C ALA B 611 -13.08 -34.50 20.65
N ARG B 612 -12.80 -33.35 20.04
CA ARG B 612 -12.76 -33.27 18.58
C ARG B 612 -11.59 -34.06 18.01
N VAL B 613 -10.42 -33.96 18.64
CA VAL B 613 -9.25 -34.61 18.06
C VAL B 613 -9.15 -36.07 18.49
N GLY B 614 -9.95 -36.49 19.46
CA GLY B 614 -9.92 -37.86 19.91
C GLY B 614 -11.06 -38.72 19.41
N ASN B 615 -12.02 -38.14 18.71
CA ASN B 615 -13.18 -38.85 18.18
C ASN B 615 -13.92 -39.58 19.30
N MET B 616 -14.36 -38.79 20.28
CA MET B 616 -15.10 -39.31 21.42
C MET B 616 -16.01 -38.21 21.94
N SER B 617 -17.03 -38.61 22.68
CA SER B 617 -18.01 -37.66 23.21
C SER B 617 -17.39 -36.78 24.28
N VAL B 618 -17.97 -35.60 24.45
CA VAL B 618 -17.49 -34.68 25.47
C VAL B 618 -17.79 -35.20 26.86
N SER B 619 -18.87 -35.99 27.01
CA SER B 619 -19.22 -36.53 28.32
C SER B 619 -18.13 -37.45 28.86
N THR B 620 -17.62 -38.34 28.01
CA THR B 620 -16.56 -39.24 28.43
C THR B 620 -15.29 -38.46 28.77
N VAL B 621 -14.98 -37.43 27.99
CA VAL B 621 -13.81 -36.61 28.27
C VAL B 621 -13.95 -35.95 29.64
N THR B 622 -15.14 -35.42 29.93
CA THR B 622 -15.36 -34.77 31.22
C THR B 622 -15.26 -35.77 32.37
N LYS B 623 -15.86 -36.95 32.20
CA LYS B 623 -15.83 -37.95 33.27
C LYS B 623 -14.43 -38.52 33.46
N GLY B 624 -13.56 -38.42 32.45
CA GLY B 624 -12.17 -38.80 32.64
C GLY B 624 -11.32 -37.68 33.22
N VAL B 625 -11.67 -36.43 32.92
CA VAL B 625 -10.94 -35.29 33.46
C VAL B 625 -11.20 -35.16 34.96
N LEU B 626 -12.44 -35.44 35.39
CA LEU B 626 -12.87 -35.19 36.75
C LEU B 626 -11.92 -35.73 37.82
N PRO B 627 -11.44 -36.99 37.72
CA PRO B 627 -10.51 -37.47 38.75
C PRO B 627 -9.16 -36.75 38.75
N PHE B 628 -8.81 -36.06 37.66
CA PHE B 628 -7.51 -35.41 37.59
C PHE B 628 -7.53 -33.97 38.07
N LEU B 629 -8.70 -33.43 38.43
CA LEU B 629 -8.76 -32.06 38.92
C LEU B 629 -8.35 -31.94 40.38
N ILE B 630 -8.28 -33.05 41.11
CA ILE B 630 -7.90 -33.00 42.52
C ILE B 630 -6.47 -32.49 42.71
N PRO B 631 -5.46 -32.97 41.98
CA PRO B 631 -4.11 -32.40 42.17
C PRO B 631 -4.03 -30.91 41.89
N VAL B 632 -4.77 -30.41 40.91
CA VAL B 632 -4.74 -28.99 40.61
C VAL B 632 -5.32 -28.17 41.77
N PHE B 633 -6.45 -28.62 42.31
CA PHE B 633 -7.03 -27.94 43.47
C PHE B 633 -6.10 -27.99 44.66
N VAL B 634 -5.45 -29.14 44.88
CA VAL B 634 -4.53 -29.27 46.00
C VAL B 634 -3.37 -28.30 45.84
N THR B 635 -2.82 -28.23 44.63
CA THR B 635 -1.71 -27.31 44.37
C THR B 635 -2.12 -25.87 44.57
N LEU B 636 -3.33 -25.50 44.10
CA LEU B 636 -3.82 -24.15 44.31
C LEU B 636 -3.99 -23.81 45.78
N VAL B 637 -4.56 -24.71 46.57
CA VAL B 637 -4.72 -24.46 48.00
C VAL B 637 -3.35 -24.33 48.68
N LEU B 638 -2.41 -25.21 48.32
CA LEU B 638 -1.08 -25.13 48.90
C LEU B 638 -0.41 -23.81 48.54
N ILE B 639 -0.58 -23.35 47.31
CA ILE B 639 0.00 -22.08 46.90
C ILE B 639 -0.62 -20.92 47.67
N THR B 640 -1.94 -20.90 47.78
CA THR B 640 -2.59 -19.80 48.48
C THR B 640 -2.41 -19.86 49.98
N ILE B 641 -1.95 -20.98 50.53
CA ILE B 641 -1.67 -21.04 51.97
C ILE B 641 -0.27 -20.53 52.28
N PHE B 642 0.73 -20.89 51.49
CA PHE B 642 2.12 -20.49 51.72
C PHE B 642 2.61 -19.67 50.54
N PRO B 643 2.42 -18.36 50.58
CA PRO B 643 2.99 -17.50 49.53
C PRO B 643 4.50 -17.49 49.51
N GLN B 644 5.15 -17.90 50.60
CA GLN B 644 6.60 -17.91 50.65
C GLN B 644 7.20 -18.83 49.59
N ILE B 645 6.47 -19.88 49.20
CA ILE B 645 6.95 -20.79 48.17
C ILE B 645 7.18 -20.03 46.87
N ILE B 646 6.20 -19.21 46.48
CA ILE B 646 6.36 -18.41 45.27
C ILE B 646 7.38 -17.30 45.49
N THR B 647 7.35 -16.67 46.67
CA THR B 647 8.17 -15.49 46.89
C THR B 647 9.67 -15.80 46.94
N PHE B 648 10.05 -16.96 47.49
CA PHE B 648 11.44 -17.21 47.82
C PHE B 648 12.32 -17.27 46.58
N VAL B 649 11.87 -17.93 45.52
CA VAL B 649 12.73 -18.18 44.36
C VAL B 649 13.17 -16.90 43.67
N PRO B 650 12.28 -15.98 43.30
CA PRO B 650 12.77 -14.77 42.58
C PRO B 650 13.72 -13.92 43.40
N ASN B 651 13.46 -13.76 44.70
CA ASN B 651 14.34 -12.93 45.53
C ASN B 651 15.75 -13.53 45.60
N LEU B 652 15.85 -14.84 45.77
CA LEU B 652 17.17 -15.48 45.77
C LEU B 652 17.82 -15.39 44.40
N LEU B 653 17.04 -15.56 43.33
CA LEU B 653 17.62 -15.55 41.99
C LEU B 653 18.09 -14.15 41.61
N ILE B 654 17.37 -13.12 42.04
CA ILE B 654 17.77 -11.75 41.74
C ILE B 654 19.05 -11.42 42.50
C39 PGT C . 25.45 1.07 -7.79
C38 PGT C . 26.20 2.16 -8.53
C37 PGT C . 26.91 3.13 -7.62
C36 PGT C . 25.99 3.81 -6.61
C35 PGT C . 26.70 4.81 -5.72
C34 PGT C . 25.77 5.53 -4.74
C33 PGT C . 25.78 7.04 -4.94
C32 PGT C . 26.93 7.70 -4.21
C31 PGT C . 26.52 8.25 -2.88
O31 PGT C . 25.59 7.87 -2.23
O2 PGT C . 27.34 9.23 -2.49
C2 PGT C . 28.37 8.95 -1.56
C1 PGT C . 28.01 9.43 -0.16
O3P PGT C . 27.96 10.83 -0.07
P PGT C . 26.63 11.54 0.57
O1P PGT C . 25.53 11.57 -0.45
O2P PGT C . 26.97 12.79 1.30
O4P PGT C . 26.37 10.31 1.62
C4 PGT C . 25.04 9.90 1.85
C5 PGT C . 24.28 11.05 2.49
O5 PGT C . 25.08 11.83 3.34
C6 PGT C . 23.03 10.52 3.19
O6 PGT C . 22.12 11.57 3.38
C3 PGT C . 29.65 9.52 -2.14
O3 PGT C . 29.62 9.39 -3.55
C11 PGT C . 30.70 9.76 -4.22
O11 PGT C . 31.75 10.03 -3.68
C12 PGT C . 30.46 9.84 -5.69
C13 PGT C . 29.96 8.53 -6.30
C14 PGT C . 29.79 8.64 -7.81
C15 PGT C . 28.49 8.05 -8.30
C16 PGT C . 28.48 7.73 -9.79
C17 PGT C . 27.23 6.98 -10.23
C18 PGT C . 27.46 6.05 -11.41
C19 PGT C . 27.25 6.73 -12.76
C20 PGT C . 27.30 5.77 -13.93
C21 PGT C . 26.30 4.61 -13.80
NA NA D . -5.73 17.92 -31.92
C33 PGT E . -19.75 13.03 19.14
C32 PGT E . -19.52 14.12 20.18
C31 PGT E . -18.22 14.85 19.99
O31 PGT E . -17.40 14.58 19.14
O2 PGT E . -18.07 15.82 20.88
C2 PGT E . -18.90 16.99 20.78
C1 PGT E . -18.17 18.14 20.12
O3P PGT E . -17.59 19.01 21.07
P PGT E . -16.01 19.40 20.88
O1P PGT E . -15.16 18.28 21.39
O2P PGT E . -15.73 20.79 21.36
O4P PGT E . -16.13 19.35 19.25
C4 PGT E . -15.13 20.00 18.49
C5 PGT E . -13.86 19.19 18.60
O5 PGT E . -12.98 19.68 19.59
C6 PGT E . -13.19 19.08 17.23
O6 PGT E . -13.21 17.75 16.82
C3 PGT E . -19.42 17.28 22.16
O3 PGT E . -19.88 16.08 22.76
C11 PGT E . -20.69 16.16 23.79
O11 PGT E . -21.19 17.19 24.16
C12 PGT E . -20.91 14.81 24.42
NA NA F . 5.14 -22.03 28.23
#